data_2W4I
#
_entry.id   2W4I
#
_cell.length_a   59.074
_cell.length_b   93.982
_cell.length_c   101.295
_cell.angle_alpha   90.00
_cell.angle_beta   91.46
_cell.angle_gamma   90.00
#
_symmetry.space_group_name_H-M   'P 1 21 1'
#
loop_
_entity.id
_entity.type
_entity.pdbx_description
1 polymer 'GLUTAMATE RACEMASE'
2 non-polymer 'D-GLUTAMIC ACID'
3 non-polymer 1-[(3S)-5-PHENYL-3-THIOPHEN-2-YL-3H-1,4-BENZODIAZEPIN-2-YL]AZETIDIN-3-OL
4 water water
#
_entity_poly.entity_id   1
_entity_poly.type   'polypeptide(L)'
_entity_poly.pdbx_seq_one_letter_code
;MKIGVFDSGVGGFSVLKSLLKARLFDEIIYYGDSARVPYGTKDPTTIKQFGLEALDFFKPHEIELLIVACNTASALALEE
MQKYSKIPIVGVIEPSILAIKRQVEDKNAPILVLGTKATIQSNAYDNALKQQGYLNISHLATSLFVPLIEESILEGELLE
TCMHYYFTPLEILPEVIILGCTHFPLIAQKIEGYFMGHFALPTPPLLIHSGDAIVEYLQQKYALKNNACTFPKVEFHASG
DVIWLERQAKEWLKL
;
_entity_poly.pdbx_strand_id   A,B,E,F
#
loop_
_chem_comp.id
_chem_comp.type
_chem_comp.name
_chem_comp.formula
VGA non-polymer 1-[(3S)-5-PHENYL-3-THIOPHEN-2-YL-3H-1,4-BENZODIAZEPIN-2-YL]AZETIDIN-3-OL 'C22 H19 N3 O S'
#
# COMPACT_ATOMS: atom_id res chain seq x y z
N MET A 1 14.97 11.27 -7.60
CA MET A 1 13.98 10.24 -7.25
C MET A 1 14.56 9.25 -6.24
N LYS A 2 13.87 9.11 -5.13
CA LYS A 2 14.26 8.18 -4.07
C LYS A 2 13.39 6.93 -4.12
N ILE A 3 14.02 5.76 -4.14
CA ILE A 3 13.27 4.50 -4.20
C ILE A 3 13.75 3.52 -3.12
N GLY A 4 12.97 2.46 -2.93
CA GLY A 4 13.37 1.36 -2.06
C GLY A 4 13.54 0.11 -2.91
N VAL A 5 14.40 -0.79 -2.44
CA VAL A 5 14.58 -2.11 -3.09
C VAL A 5 14.52 -3.09 -1.92
N PHE A 6 13.62 -4.08 -2.02
CA PHE A 6 13.43 -5.05 -0.95
C PHE A 6 13.80 -6.46 -1.42
N ASP A 7 14.54 -7.19 -0.57
CA ASP A 7 14.87 -8.59 -0.86
C ASP A 7 14.99 -9.35 0.44
N SER A 8 14.95 -10.68 0.34
CA SER A 8 15.19 -11.49 1.53
C SER A 8 16.59 -11.37 2.09
N GLY A 9 17.56 -10.91 1.26
CA GLY A 9 18.96 -10.88 1.70
C GLY A 9 19.87 -10.15 0.73
N VAL A 10 20.89 -10.85 0.26
CA VAL A 10 21.86 -10.23 -0.63
C VAL A 10 21.58 -10.54 -2.08
N GLY A 11 20.67 -11.49 -2.34
CA GLY A 11 20.25 -11.83 -3.72
C GLY A 11 19.79 -10.60 -4.51
N GLY A 12 19.11 -9.68 -3.83
CA GLY A 12 18.61 -8.45 -4.41
C GLY A 12 19.69 -7.61 -5.09
N PHE A 13 20.96 -7.86 -4.72
CA PHE A 13 22.09 -7.13 -5.36
C PHE A 13 22.19 -7.41 -6.85
N SER A 14 21.69 -8.56 -7.33
CA SER A 14 21.70 -8.80 -8.79
C SER A 14 20.73 -7.86 -9.54
N VAL A 15 19.62 -7.51 -8.88
CA VAL A 15 18.71 -6.50 -9.38
C VAL A 15 19.35 -5.10 -9.21
N LEU A 16 19.95 -4.84 -8.05
CA LEU A 16 20.62 -3.57 -7.80
C LEU A 16 21.70 -3.27 -8.87
N LYS A 17 22.50 -4.27 -9.25
CA LYS A 17 23.50 -4.11 -10.31
C LYS A 17 22.86 -3.54 -11.60
N SER A 18 21.78 -4.17 -12.06
CA SER A 18 20.99 -3.67 -13.21
C SER A 18 20.47 -2.24 -12.99
N LEU A 19 19.91 -1.99 -11.79
CA LEU A 19 19.39 -0.65 -11.47
C LEU A 19 20.48 0.42 -11.57
N LEU A 20 21.63 0.12 -10.98
CA LEU A 20 22.75 1.08 -10.95
C LEU A 20 23.21 1.46 -12.36
N LYS A 21 23.27 0.47 -13.23
CA LYS A 21 23.69 0.71 -14.62
C LYS A 21 22.69 1.60 -15.34
N ALA A 22 21.41 1.49 -14.99
CA ALA A 22 20.38 2.32 -15.66
C ALA A 22 20.43 3.81 -15.28
N ARG A 23 21.09 4.11 -14.17
CA ARG A 23 21.29 5.51 -13.72
C ARG A 23 19.96 6.29 -13.63
N LEU A 24 18.92 5.65 -13.10
CA LEU A 24 17.57 6.22 -13.01
C LEU A 24 17.37 6.99 -11.69
N PHE A 25 17.82 6.38 -10.60
CA PHE A 25 17.40 6.81 -9.27
C PHE A 25 18.55 7.44 -8.52
N ASP A 26 18.28 8.62 -7.95
CA ASP A 26 19.31 9.38 -7.22
C ASP A 26 19.62 8.79 -5.85
N GLU A 27 18.61 8.20 -5.23
CA GLU A 27 18.75 7.62 -3.90
C GLU A 27 18.03 6.28 -3.86
N ILE A 28 18.74 5.25 -3.41
CA ILE A 28 18.18 3.90 -3.31
C ILE A 28 18.34 3.42 -1.85
N ILE A 29 17.23 3.01 -1.26
CA ILE A 29 17.22 2.43 0.05
C ILE A 29 17.07 0.91 -0.09
N TYR A 30 18.17 0.18 0.12
CA TYR A 30 18.18 -1.27 0.03
C TYR A 30 17.91 -1.88 1.40
N TYR A 31 16.91 -2.77 1.47
CA TYR A 31 16.63 -3.56 2.66
C TYR A 31 16.62 -5.07 2.32
N GLY A 32 17.54 -5.81 2.95
CA GLY A 32 17.58 -7.27 2.85
C GLY A 32 17.22 -7.85 4.19
N ASP A 33 16.22 -8.73 4.20
CA ASP A 33 15.74 -9.35 5.45
C ASP A 33 16.66 -10.51 5.83
N SER A 34 17.96 -10.21 5.97
CA SER A 34 18.95 -11.27 6.08
C SER A 34 18.86 -12.11 7.38
N ALA A 35 18.13 -11.64 8.40
CA ALA A 35 17.84 -12.50 9.58
C ALA A 35 16.90 -13.67 9.25
N ARG A 36 16.08 -13.53 8.20
CA ARG A 36 15.04 -14.54 7.94
C ARG A 36 15.12 -15.24 6.57
N VAL A 37 16.12 -14.88 5.77
CA VAL A 37 16.41 -15.56 4.52
C VAL A 37 16.74 -17.05 4.83
N PRO A 38 16.30 -17.99 3.97
CA PRO A 38 15.59 -17.78 2.71
C PRO A 38 14.07 -17.72 2.86
N TYR A 39 13.43 -17.11 1.90
CA TYR A 39 11.97 -17.08 1.80
C TYR A 39 11.49 -18.28 0.97
N GLY A 40 12.33 -18.73 0.02
CA GLY A 40 11.88 -19.71 -1.01
C GLY A 40 11.50 -21.08 -0.48
N THR A 41 12.02 -21.41 0.69
CA THR A 41 11.74 -22.69 1.35
C THR A 41 10.49 -22.67 2.25
N LYS A 42 9.84 -21.51 2.35
CA LYS A 42 8.78 -21.28 3.37
C LYS A 42 7.41 -21.09 2.72
N ASP A 43 6.39 -20.85 3.54
CA ASP A 43 5.02 -21.00 3.11
C ASP A 43 4.38 -19.65 2.75
N PRO A 44 3.28 -19.68 1.97
CA PRO A 44 2.60 -18.46 1.55
C PRO A 44 2.19 -17.51 2.68
N THR A 45 1.66 -18.04 3.78
CA THR A 45 1.26 -17.19 4.89
C THR A 45 2.47 -16.41 5.49
N THR A 46 3.56 -17.14 5.72
CA THR A 46 4.80 -16.56 6.28
C THR A 46 5.35 -15.47 5.36
N ILE A 47 5.42 -15.77 4.06
CA ILE A 47 6.04 -14.82 3.12
C ILE A 47 5.16 -13.57 2.95
N LYS A 48 3.85 -13.75 2.91
CA LYS A 48 2.94 -12.62 2.87
C LYS A 48 3.18 -11.68 4.03
N GLN A 49 3.28 -12.22 5.24
CA GLN A 49 3.53 -11.40 6.41
C GLN A 49 4.87 -10.69 6.33
N PHE A 50 5.87 -11.40 5.82
CA PHE A 50 7.21 -10.82 5.66
C PHE A 50 7.13 -9.59 4.73
N GLY A 51 6.35 -9.74 3.65
CA GLY A 51 6.13 -8.64 2.69
C GLY A 51 5.47 -7.43 3.34
N LEU A 52 4.42 -7.65 4.14
CA LEU A 52 3.82 -6.53 4.87
C LEU A 52 4.76 -5.85 5.86
N GLU A 53 5.60 -6.63 6.52
CA GLU A 53 6.57 -6.08 7.46
C GLU A 53 7.64 -5.24 6.73
N ALA A 54 7.97 -5.64 5.50
CA ALA A 54 8.85 -4.84 4.64
C ALA A 54 8.23 -3.49 4.36
N LEU A 55 6.93 -3.45 4.14
CA LEU A 55 6.27 -2.14 3.95
C LEU A 55 6.47 -1.22 5.13
N ASP A 56 6.34 -1.75 6.35
CA ASP A 56 6.56 -0.99 7.57
C ASP A 56 7.97 -0.42 7.64
N PHE A 57 8.96 -1.23 7.23
CA PHE A 57 10.34 -0.74 7.19
C PHE A 57 10.52 0.52 6.37
N PHE A 58 9.90 0.55 5.18
CA PHE A 58 10.09 1.67 4.27
C PHE A 58 9.33 2.95 4.61
N LYS A 59 8.35 2.86 5.51
CA LYS A 59 7.51 4.04 5.84
C LYS A 59 8.25 5.35 6.13
N PRO A 60 9.22 5.36 7.07
CA PRO A 60 9.94 6.62 7.38
C PRO A 60 10.85 7.11 6.26
N HIS A 61 11.11 6.26 5.27
CA HIS A 61 12.08 6.58 4.22
C HIS A 61 11.53 7.45 3.10
N GLU A 62 10.20 7.62 3.05
CA GLU A 62 9.52 8.48 2.07
C GLU A 62 9.99 8.17 0.65
N ILE A 63 9.94 6.89 0.30
CA ILE A 63 10.29 6.48 -1.06
C ILE A 63 9.13 6.75 -2.03
N GLU A 64 9.46 6.87 -3.32
CA GLU A 64 8.47 7.14 -4.37
C GLU A 64 7.97 5.88 -5.06
N LEU A 65 8.75 4.82 -4.93
CA LEU A 65 8.50 3.55 -5.60
C LEU A 65 9.24 2.49 -4.77
N LEU A 66 8.64 1.32 -4.63
CA LEU A 66 9.30 0.17 -4.03
C LEU A 66 9.48 -0.94 -5.08
N ILE A 67 10.73 -1.38 -5.27
CA ILE A 67 11.04 -2.54 -6.08
C ILE A 67 11.14 -3.76 -5.16
N VAL A 68 10.36 -4.80 -5.46
CA VAL A 68 10.50 -6.07 -4.76
C VAL A 68 11.45 -6.90 -5.65
N ALA A 69 12.75 -6.85 -5.33
CA ALA A 69 13.78 -7.54 -6.10
C ALA A 69 13.66 -9.06 -5.96
N CYS A 70 13.07 -9.52 -4.84
CA CYS A 70 12.97 -10.98 -4.55
C CYS A 70 11.92 -11.63 -5.44
N ASN A 71 12.28 -12.68 -6.18
CA ASN A 71 11.26 -13.39 -6.99
C ASN A 71 10.24 -14.12 -6.11
N THR A 72 10.70 -14.67 -4.99
CA THR A 72 9.79 -15.33 -4.03
C THR A 72 8.74 -14.35 -3.45
N ALA A 73 9.20 -13.21 -2.91
CA ALA A 73 8.29 -12.18 -2.41
C ALA A 73 7.36 -11.63 -3.52
N SER A 74 7.90 -11.44 -4.73
CA SER A 74 7.07 -11.08 -5.89
C SER A 74 5.96 -12.06 -6.15
N ALA A 75 6.27 -13.36 -6.10
CA ALA A 75 5.28 -14.40 -6.42
C ALA A 75 4.19 -14.51 -5.34
N LEU A 76 4.59 -14.38 -4.08
CA LEU A 76 3.72 -14.71 -2.95
C LEU A 76 3.12 -13.49 -2.25
N ALA A 77 3.89 -12.40 -2.16
CA ALA A 77 3.48 -11.27 -1.31
C ALA A 77 3.11 -9.97 -2.06
N LEU A 78 3.47 -9.87 -3.33
CA LEU A 78 3.31 -8.58 -4.03
C LEU A 78 1.87 -8.07 -4.05
N GLU A 79 0.92 -8.97 -4.32
CA GLU A 79 -0.47 -8.55 -4.41
C GLU A 79 -0.98 -7.99 -3.08
N GLU A 80 -0.63 -8.67 -1.98
CA GLU A 80 -0.97 -8.18 -0.63
C GLU A 80 -0.29 -6.83 -0.32
N MET A 81 0.96 -6.70 -0.71
CA MET A 81 1.68 -5.47 -0.47
C MET A 81 1.06 -4.30 -1.21
N GLN A 82 0.65 -4.54 -2.46
CA GLN A 82 0.05 -3.49 -3.29
C GLN A 82 -1.30 -3.07 -2.72
N LYS A 83 -2.00 -4.01 -2.09
CA LYS A 83 -3.29 -3.74 -1.44
C LYS A 83 -3.12 -2.67 -0.35
N TYR A 84 -2.00 -2.73 0.37
CA TYR A 84 -1.79 -1.86 1.53
C TYR A 84 -0.78 -0.73 1.31
N SER A 85 -0.46 -0.46 0.05
CA SER A 85 0.53 0.56 -0.30
C SER A 85 -0.13 1.62 -1.18
N LYS A 86 0.25 2.88 -0.97
CA LYS A 86 -0.14 3.99 -1.83
C LYS A 86 0.86 4.19 -2.99
N ILE A 87 2.14 4.06 -2.69
CA ILE A 87 3.18 4.08 -3.74
C ILE A 87 3.10 2.86 -4.68
N PRO A 88 3.59 3.00 -5.92
CA PRO A 88 3.63 1.81 -6.76
C PRO A 88 4.66 0.83 -6.20
N ILE A 89 4.34 -0.45 -6.25
CA ILE A 89 5.27 -1.52 -5.94
C ILE A 89 5.47 -2.29 -7.23
N VAL A 90 6.73 -2.50 -7.61
CA VAL A 90 7.02 -3.26 -8.84
C VAL A 90 7.86 -4.47 -8.47
N GLY A 91 7.35 -5.64 -8.83
CA GLY A 91 8.11 -6.87 -8.61
C GLY A 91 8.84 -7.32 -9.86
N VAL A 92 9.51 -8.47 -9.78
CA VAL A 92 10.38 -8.95 -10.86
C VAL A 92 9.74 -10.01 -11.75
N ILE A 93 8.46 -10.30 -11.52
CA ILE A 93 7.81 -11.34 -12.31
C ILE A 93 7.17 -10.78 -13.56
N GLU A 94 6.22 -9.85 -13.38
CA GLU A 94 5.56 -9.22 -14.55
C GLU A 94 6.52 -8.60 -15.60
N PRO A 95 7.58 -7.86 -15.16
CA PRO A 95 8.53 -7.36 -16.17
C PRO A 95 9.24 -8.44 -16.98
N SER A 96 9.44 -9.61 -16.37
CA SER A 96 10.02 -10.75 -17.09
C SER A 96 9.07 -11.31 -18.14
N ILE A 97 7.76 -11.28 -17.86
CA ILE A 97 6.74 -11.71 -18.84
C ILE A 97 6.75 -10.77 -20.03
N LEU A 98 6.81 -9.47 -19.75
CA LEU A 98 6.98 -8.48 -20.80
C LEU A 98 8.25 -8.70 -21.64
N ALA A 99 9.36 -9.03 -20.99
CA ALA A 99 10.62 -9.32 -21.71
C ALA A 99 10.46 -10.54 -22.65
N ILE A 100 9.80 -11.58 -22.16
CA ILE A 100 9.48 -12.78 -22.96
C ILE A 100 8.71 -12.41 -24.23
N LYS A 101 7.65 -11.63 -24.07
CA LYS A 101 6.87 -11.16 -25.23
C LYS A 101 7.74 -10.47 -26.29
N ARG A 102 8.72 -9.67 -25.86
CA ARG A 102 9.62 -8.98 -26.80
C ARG A 102 10.68 -9.89 -27.44
N GLN A 103 11.05 -10.97 -26.75
CA GLN A 103 12.22 -11.75 -27.17
C GLN A 103 11.87 -13.11 -27.75
N VAL A 104 10.63 -13.55 -27.50
CA VAL A 104 10.21 -14.90 -27.91
C VAL A 104 8.98 -14.80 -28.80
N GLU A 105 9.23 -14.81 -30.11
CA GLU A 105 8.17 -14.56 -31.09
C GLU A 105 7.23 -15.76 -31.18
N ASP A 106 7.79 -16.97 -31.12
CA ASP A 106 7.03 -18.21 -31.29
C ASP A 106 6.36 -18.66 -30.00
N LYS A 107 5.02 -18.68 -29.99
CA LYS A 107 4.26 -19.09 -28.81
C LYS A 107 4.50 -20.54 -28.38
N ASN A 108 5.05 -21.33 -29.30
CA ASN A 108 5.37 -22.73 -29.01
C ASN A 108 6.82 -22.96 -28.59
N ALA A 109 7.62 -21.91 -28.50
CA ALA A 109 9.02 -22.07 -28.06
C ALA A 109 9.04 -22.68 -26.66
N PRO A 110 9.85 -23.74 -26.45
CA PRO A 110 9.89 -24.30 -25.07
C PRO A 110 10.59 -23.36 -24.04
N ILE A 111 9.83 -22.92 -23.04
CA ILE A 111 10.34 -22.03 -22.00
C ILE A 111 10.45 -22.84 -20.71
N LEU A 112 11.57 -22.70 -20.01
CA LEU A 112 11.75 -23.33 -18.73
C LEU A 112 11.89 -22.27 -17.64
N VAL A 113 11.06 -22.34 -16.62
CA VAL A 113 11.13 -21.42 -15.49
C VAL A 113 11.92 -22.07 -14.34
N LEU A 114 12.97 -21.38 -13.88
CA LEU A 114 13.71 -21.85 -12.71
C LEU A 114 13.40 -20.91 -11.54
N GLY A 115 13.22 -21.46 -10.36
CA GLY A 115 13.02 -20.64 -9.18
C GLY A 115 13.10 -21.42 -7.89
N THR A 116 12.78 -20.75 -6.80
CA THR A 116 12.72 -21.43 -5.52
C THR A 116 11.48 -22.32 -5.52
N LYS A 117 11.40 -23.18 -4.51
CA LYS A 117 10.23 -24.03 -4.34
C LYS A 117 8.96 -23.19 -4.27
N ALA A 118 8.97 -22.12 -3.46
CA ALA A 118 7.79 -21.29 -3.25
C ALA A 118 7.39 -20.59 -4.55
N THR A 119 8.37 -20.04 -5.27
CA THR A 119 8.08 -19.37 -6.54
C THR A 119 7.43 -20.37 -7.51
N ILE A 120 8.01 -21.54 -7.64
CA ILE A 120 7.51 -22.52 -8.63
C ILE A 120 6.12 -23.03 -8.22
N GLN A 121 5.96 -23.33 -6.93
CA GLN A 121 4.66 -23.78 -6.34
C GLN A 121 3.52 -22.78 -6.60
N SER A 122 3.85 -21.49 -6.64
CA SER A 122 2.85 -20.44 -6.85
C SER A 122 2.27 -20.43 -8.27
N ASN A 123 3.01 -20.97 -9.22
CA ASN A 123 2.64 -20.91 -10.64
C ASN A 123 2.47 -19.50 -11.19
N ALA A 124 3.02 -18.51 -10.47
CA ALA A 124 3.06 -17.12 -10.90
C ALA A 124 3.56 -16.96 -12.35
N TYR A 125 4.68 -17.61 -12.69
CA TYR A 125 5.20 -17.51 -14.03
C TYR A 125 4.33 -18.20 -15.08
N ASP A 126 3.97 -19.44 -14.79
CA ASP A 126 3.16 -20.28 -15.69
C ASP A 126 1.86 -19.59 -16.02
N ASN A 127 1.18 -19.05 -15.00
CA ASN A 127 -0.11 -18.42 -15.22
C ASN A 127 -0.02 -17.20 -16.13
N ALA A 128 0.97 -16.36 -15.86
CA ALA A 128 1.22 -15.12 -16.59
C ALA A 128 1.64 -15.41 -18.03
N LEU A 129 2.50 -16.41 -18.23
CA LEU A 129 2.90 -16.85 -19.56
C LEU A 129 1.72 -17.43 -20.35
N LYS A 130 0.91 -18.28 -19.72
CA LYS A 130 -0.28 -18.83 -20.38
C LYS A 130 -1.24 -17.72 -20.79
N GLN A 131 -1.46 -16.78 -19.88
CA GLN A 131 -2.27 -15.59 -20.16
C GLN A 131 -1.79 -14.84 -21.41
N GLN A 132 -0.49 -14.89 -21.70
CA GLN A 132 0.08 -14.21 -22.89
C GLN A 132 0.17 -15.08 -24.14
N GLY A 133 -0.45 -16.26 -24.09
CA GLY A 133 -0.50 -17.15 -25.24
C GLY A 133 0.61 -18.18 -25.39
N TYR A 134 1.54 -18.25 -24.43
CA TYR A 134 2.63 -19.23 -24.47
C TYR A 134 2.14 -20.65 -24.09
N LEU A 135 2.48 -21.62 -24.94
CA LEU A 135 1.85 -22.94 -24.91
C LEU A 135 2.76 -24.06 -24.40
N ASN A 136 4.05 -23.75 -24.28
CA ASN A 136 5.05 -24.78 -24.06
C ASN A 136 5.99 -24.36 -22.90
N ILE A 137 5.43 -24.42 -21.69
CA ILE A 137 6.10 -23.96 -20.48
C ILE A 137 6.39 -25.11 -19.52
N SER A 138 7.64 -25.18 -19.06
CA SER A 138 8.07 -26.14 -18.04
C SER A 138 8.58 -25.35 -16.83
N HIS A 139 8.50 -25.92 -15.64
CA HIS A 139 9.05 -25.26 -14.46
C HIS A 139 9.84 -26.23 -13.61
N LEU A 140 10.80 -25.70 -12.87
CA LEU A 140 11.68 -26.52 -12.05
C LEU A 140 12.16 -25.69 -10.87
N ALA A 141 11.91 -26.21 -9.67
CA ALA A 141 12.44 -25.59 -8.44
C ALA A 141 13.85 -26.08 -8.23
N THR A 142 14.82 -25.26 -8.60
CA THR A 142 16.22 -25.65 -8.47
C THR A 142 16.74 -25.10 -7.12
N SER A 143 16.12 -25.57 -6.04
CA SER A 143 16.27 -24.95 -4.71
C SER A 143 17.72 -24.85 -4.23
N LEU A 144 18.49 -25.92 -4.43
CA LEU A 144 19.86 -25.95 -3.93
C LEU A 144 20.83 -25.00 -4.60
N PHE A 145 20.46 -24.46 -5.76
CA PHE A 145 21.29 -23.43 -6.40
C PHE A 145 21.50 -22.26 -5.44
N VAL A 146 20.47 -21.89 -4.68
CA VAL A 146 20.58 -20.75 -3.77
C VAL A 146 21.72 -20.90 -2.72
N PRO A 147 21.67 -21.95 -1.86
CA PRO A 147 22.76 -22.18 -0.90
C PRO A 147 24.13 -22.36 -1.57
N LEU A 148 24.19 -23.06 -2.70
CA LEU A 148 25.49 -23.16 -3.42
C LEU A 148 26.04 -21.75 -3.73
N ILE A 149 25.17 -20.92 -4.30
CA ILE A 149 25.56 -19.56 -4.67
C ILE A 149 25.97 -18.74 -3.41
N GLU A 150 25.20 -18.87 -2.33
CA GLU A 150 25.58 -18.21 -1.06
C GLU A 150 26.96 -18.60 -0.57
N GLU A 151 27.34 -19.85 -0.84
CA GLU A 151 28.67 -20.37 -0.45
C GLU A 151 29.75 -20.11 -1.51
N SER A 152 29.42 -19.33 -2.54
CA SER A 152 30.33 -19.02 -3.67
C SER A 152 30.79 -20.25 -4.47
N ILE A 153 29.94 -21.26 -4.55
CA ILE A 153 30.20 -22.42 -5.38
C ILE A 153 29.65 -22.08 -6.77
N LEU A 154 30.48 -21.37 -7.55
CA LEU A 154 30.08 -20.84 -8.84
C LEU A 154 30.75 -21.57 -10.01
N GLU A 155 31.47 -22.64 -9.70
CA GLU A 155 32.12 -23.47 -10.71
C GLU A 155 32.45 -24.80 -10.06
N GLY A 156 33.03 -25.71 -10.85
CA GLY A 156 33.58 -26.94 -10.32
C GLY A 156 32.57 -28.06 -10.25
N GLU A 157 33.07 -29.18 -9.75
CA GLU A 157 32.32 -30.43 -9.74
C GLU A 157 31.01 -30.40 -8.95
N LEU A 158 31.02 -29.68 -7.81
CA LEU A 158 29.82 -29.64 -6.99
C LEU A 158 28.70 -28.90 -7.69
N LEU A 159 29.03 -27.76 -8.32
CA LEU A 159 28.00 -27.04 -9.08
C LEU A 159 27.52 -27.90 -10.26
N GLU A 160 28.45 -28.50 -11.00
CA GLU A 160 28.09 -29.34 -12.15
C GLU A 160 27.13 -30.46 -11.73
N THR A 161 27.46 -31.14 -10.63
CA THR A 161 26.65 -32.25 -10.14
C THR A 161 25.25 -31.78 -9.71
N CYS A 162 25.19 -30.60 -9.09
CA CYS A 162 23.91 -30.03 -8.67
C CYS A 162 23.02 -29.69 -9.88
N MET A 163 23.64 -29.08 -10.89
CA MET A 163 22.92 -28.76 -12.13
C MET A 163 22.42 -30.05 -12.77
N HIS A 164 23.28 -31.07 -12.79
CA HIS A 164 22.93 -32.34 -13.45
C HIS A 164 21.76 -33.02 -12.73
N TYR A 165 21.75 -32.91 -11.41
CA TYR A 165 20.69 -33.44 -10.56
C TYR A 165 19.31 -32.89 -10.91
N TYR A 166 19.22 -31.56 -11.08
CA TYR A 166 17.98 -30.88 -11.44
C TYR A 166 17.60 -30.98 -12.92
N PHE A 167 18.59 -30.90 -13.79
CA PHE A 167 18.34 -30.81 -15.23
C PHE A 167 18.16 -32.16 -15.93
N THR A 168 18.83 -33.20 -15.43
CA THR A 168 18.71 -34.57 -15.99
C THR A 168 17.26 -35.03 -16.27
N PRO A 169 16.34 -34.90 -15.30
CA PRO A 169 14.95 -35.30 -15.57
C PRO A 169 14.12 -34.43 -16.54
N LEU A 170 14.69 -33.34 -17.08
CA LEU A 170 13.95 -32.49 -18.03
C LEU A 170 13.46 -33.22 -19.27
N GLU A 171 12.15 -33.13 -19.55
CA GLU A 171 11.52 -33.84 -20.67
C GLU A 171 11.72 -33.09 -21.99
N ILE A 172 11.90 -31.78 -21.88
CA ILE A 172 12.02 -30.93 -23.05
C ILE A 172 13.25 -30.02 -22.92
N LEU A 173 14.08 -29.99 -23.95
CA LEU A 173 15.21 -29.08 -23.98
C LEU A 173 14.70 -27.64 -24.17
N PRO A 174 15.00 -26.73 -23.22
CA PRO A 174 14.45 -25.37 -23.36
C PRO A 174 15.17 -24.53 -24.41
N GLU A 175 14.43 -23.66 -25.08
CA GLU A 175 14.99 -22.63 -25.94
C GLU A 175 15.19 -21.34 -25.14
N VAL A 176 14.44 -21.24 -24.04
CA VAL A 176 14.39 -20.04 -23.18
C VAL A 176 14.36 -20.51 -21.73
N ILE A 177 15.21 -19.90 -20.90
CA ILE A 177 15.28 -20.23 -19.49
C ILE A 177 15.10 -18.94 -18.68
N ILE A 178 14.06 -18.91 -17.85
CA ILE A 178 13.83 -17.73 -17.01
C ILE A 178 14.63 -17.93 -15.72
N LEU A 179 15.52 -16.98 -15.41
CA LEU A 179 16.23 -17.01 -14.11
C LEU A 179 15.32 -16.40 -13.03
N GLY A 180 14.34 -17.19 -12.60
CA GLY A 180 13.27 -16.69 -11.73
C GLY A 180 13.62 -16.65 -10.24
N CYS A 181 14.86 -16.23 -9.97
CA CYS A 181 15.41 -16.15 -8.61
C CYS A 181 16.56 -15.16 -8.66
N THR A 182 16.70 -14.36 -7.59
CA THR A 182 17.74 -13.33 -7.51
C THR A 182 19.16 -13.90 -7.68
N HIS A 183 19.37 -15.14 -7.22
CA HIS A 183 20.73 -15.69 -7.16
C HIS A 183 21.26 -16.21 -8.51
N PHE A 184 20.35 -16.62 -9.40
CA PHE A 184 20.72 -17.39 -10.59
C PHE A 184 21.64 -16.67 -11.61
N PRO A 185 21.54 -15.32 -11.72
CA PRO A 185 22.50 -14.65 -12.61
C PRO A 185 23.95 -15.00 -12.32
N LEU A 186 24.27 -15.35 -11.06
CA LEU A 186 25.65 -15.63 -10.68
C LEU A 186 26.17 -16.95 -11.27
N ILE A 187 25.26 -17.80 -11.74
CA ILE A 187 25.64 -19.03 -12.45
C ILE A 187 25.08 -19.13 -13.89
N ALA A 188 24.71 -17.98 -14.48
CA ALA A 188 24.11 -17.94 -15.82
C ALA A 188 25.02 -18.57 -16.87
N GLN A 189 26.30 -18.20 -16.89
CA GLN A 189 27.24 -18.80 -17.86
C GLN A 189 27.40 -20.32 -17.66
N LYS A 190 27.36 -20.76 -16.40
CA LYS A 190 27.44 -22.18 -16.08
C LYS A 190 26.19 -22.93 -16.56
N ILE A 191 25.03 -22.30 -16.42
CA ILE A 191 23.77 -22.87 -16.91
C ILE A 191 23.79 -22.98 -18.45
N GLU A 192 24.19 -21.89 -19.10
CA GLU A 192 24.41 -21.89 -20.56
C GLU A 192 25.36 -23.00 -20.95
N GLY A 193 26.48 -23.11 -20.23
CA GLY A 193 27.50 -24.13 -20.49
C GLY A 193 26.97 -25.56 -20.33
N TYR A 194 26.14 -25.77 -19.31
CA TYR A 194 25.50 -27.07 -19.09
C TYR A 194 24.71 -27.52 -20.34
N PHE A 195 23.79 -26.67 -20.81
CA PHE A 195 22.99 -27.03 -21.98
C PHE A 195 23.79 -27.21 -23.27
N MET A 196 24.72 -26.31 -23.52
CA MET A 196 25.59 -26.45 -24.70
C MET A 196 26.40 -27.75 -24.65
N GLY A 197 27.01 -28.04 -23.49
CA GLY A 197 27.87 -29.21 -23.35
C GLY A 197 27.07 -30.51 -23.46
N HIS A 198 26.01 -30.62 -22.67
CA HIS A 198 25.19 -31.83 -22.63
C HIS A 198 24.36 -32.11 -23.87
N PHE A 199 23.97 -31.06 -24.60
CA PHE A 199 23.15 -31.23 -25.78
C PHE A 199 23.84 -30.82 -27.10
N ALA A 200 25.17 -30.65 -27.05
CA ALA A 200 25.97 -30.28 -28.22
C ALA A 200 25.38 -29.09 -29.00
N LEU A 201 24.98 -28.05 -28.25
CA LEU A 201 24.43 -26.82 -28.83
C LEU A 201 25.53 -25.80 -29.02
N PRO A 202 25.63 -25.21 -30.23
CA PRO A 202 26.72 -24.28 -30.51
C PRO A 202 26.55 -22.96 -29.77
N THR A 203 25.31 -22.59 -29.47
CA THR A 203 25.01 -21.42 -28.61
C THR A 203 23.95 -21.81 -27.59
N PRO A 204 23.88 -21.11 -26.44
CA PRO A 204 22.95 -21.58 -25.40
C PRO A 204 21.49 -21.09 -25.57
N PRO A 205 20.56 -21.68 -24.80
CA PRO A 205 19.21 -21.13 -24.67
C PRO A 205 19.30 -19.67 -24.24
N LEU A 206 18.28 -18.89 -24.60
CA LEU A 206 18.16 -17.51 -24.16
C LEU A 206 17.87 -17.47 -22.67
N LEU A 207 18.65 -16.73 -21.90
CA LEU A 207 18.35 -16.60 -20.46
C LEU A 207 17.67 -15.27 -20.19
N ILE A 208 16.57 -15.28 -19.43
CA ILE A 208 15.93 -14.02 -18.98
C ILE A 208 16.39 -13.66 -17.55
N HIS A 209 16.98 -12.47 -17.41
CA HIS A 209 17.58 -12.00 -16.16
C HIS A 209 16.54 -11.08 -15.54
N SER A 210 16.10 -11.38 -14.31
CA SER A 210 15.05 -10.57 -13.64
C SER A 210 15.39 -9.07 -13.47
N GLY A 211 16.65 -8.77 -13.15
CA GLY A 211 17.10 -7.37 -12.99
C GLY A 211 17.06 -6.59 -14.28
N ASP A 212 17.55 -7.19 -15.35
CA ASP A 212 17.48 -6.50 -16.65
C ASP A 212 16.06 -6.27 -17.12
N ALA A 213 15.18 -7.26 -16.91
CA ALA A 213 13.78 -7.12 -17.30
C ALA A 213 13.05 -6.04 -16.50
N ILE A 214 13.26 -5.99 -15.18
CA ILE A 214 12.63 -4.89 -14.41
C ILE A 214 13.18 -3.51 -14.80
N VAL A 215 14.48 -3.44 -15.10
CA VAL A 215 15.08 -2.20 -15.57
C VAL A 215 14.47 -1.75 -16.89
N GLU A 216 14.29 -2.68 -17.81
CA GLU A 216 13.66 -2.36 -19.09
C GLU A 216 12.23 -1.80 -18.90
N TYR A 217 11.52 -2.32 -17.92
CA TYR A 217 10.16 -1.84 -17.62
C TYR A 217 10.21 -0.39 -17.07
N LEU A 218 11.10 -0.18 -16.10
CA LEU A 218 11.26 1.10 -15.40
C LEU A 218 11.80 2.20 -16.33
N GLN A 219 12.65 1.81 -17.28
CA GLN A 219 13.24 2.76 -18.23
C GLN A 219 12.20 3.45 -19.07
N GLN A 220 11.03 2.81 -19.19
CA GLN A 220 9.95 3.39 -19.94
C GLN A 220 8.82 3.95 -19.08
N LYS A 221 8.67 3.45 -17.86
CA LYS A 221 7.75 4.12 -16.92
C LYS A 221 8.30 5.46 -16.39
N TYR A 222 9.62 5.53 -16.22
CA TYR A 222 10.29 6.74 -15.72
C TYR A 222 11.30 7.25 -16.75
N ALA A 223 10.84 7.35 -18.00
CA ALA A 223 11.75 7.70 -19.11
C ALA A 223 12.51 9.02 -18.89
N LEU A 224 11.85 10.01 -18.31
CA LEU A 224 12.52 11.24 -17.94
C LEU A 224 13.79 11.03 -17.08
N LYS A 225 13.84 9.92 -16.34
CA LYS A 225 14.98 9.62 -15.46
C LYS A 225 16.16 8.86 -16.10
N ASN A 226 16.03 8.40 -17.35
CA ASN A 226 17.15 7.69 -17.98
C ASN A 226 18.43 8.51 -17.93
N ASN A 227 19.50 7.90 -17.43
CA ASN A 227 20.81 8.55 -17.32
C ASN A 227 20.81 9.82 -16.48
N ALA A 228 19.80 9.93 -15.61
CA ALA A 228 19.69 11.11 -14.74
C ALA A 228 20.77 11.14 -13.67
N CYS A 229 21.14 9.98 -13.14
CA CYS A 229 21.98 10.00 -11.95
C CYS A 229 23.42 9.72 -12.23
N THR A 230 24.24 10.71 -11.91
CA THR A 230 25.66 10.67 -12.14
C THR A 230 26.29 9.63 -11.21
N PHE A 231 25.79 9.56 -9.97
CA PHE A 231 26.30 8.64 -8.94
C PHE A 231 25.24 8.60 -7.84
N PRO A 232 24.66 7.42 -7.56
CA PRO A 232 23.58 7.41 -6.58
C PRO A 232 24.04 7.31 -5.12
N LYS A 233 23.21 7.80 -4.21
CA LYS A 233 23.36 7.48 -2.81
C LYS A 233 22.63 6.17 -2.60
N VAL A 234 23.31 5.21 -1.99
CA VAL A 234 22.64 3.94 -1.63
C VAL A 234 22.78 3.71 -0.12
N GLU A 235 21.67 3.45 0.54
CA GLU A 235 21.70 3.06 1.95
C GLU A 235 21.52 1.54 1.99
N PHE A 236 22.34 0.85 2.78
CA PHE A 236 22.18 -0.61 2.98
C PHE A 236 21.61 -0.88 4.36
N HIS A 237 20.48 -1.55 4.42
CA HIS A 237 19.89 -1.93 5.71
C HIS A 237 19.64 -3.42 5.69
N ALA A 238 19.78 -4.06 6.85
CA ALA A 238 19.48 -5.47 6.99
C ALA A 238 18.83 -5.80 8.36
N SER A 239 18.04 -6.88 8.41
CA SER A 239 17.56 -7.39 9.71
C SER A 239 18.64 -8.23 10.40
N GLY A 240 19.54 -8.83 9.60
CA GLY A 240 20.75 -9.46 10.13
C GLY A 240 21.90 -8.45 10.25
N ASP A 241 23.14 -8.93 10.29
CA ASP A 241 24.28 -8.03 10.42
C ASP A 241 24.45 -7.18 9.13
N VAL A 242 24.39 -5.85 9.26
CA VAL A 242 24.35 -5.01 8.06
C VAL A 242 25.73 -4.94 7.42
N ILE A 243 26.79 -5.08 8.23
CA ILE A 243 28.15 -5.14 7.67
C ILE A 243 28.30 -6.40 6.81
N TRP A 244 27.84 -7.53 7.34
CA TRP A 244 27.81 -8.77 6.56
C TRP A 244 27.13 -8.61 5.19
N LEU A 245 25.99 -7.92 5.18
CA LEU A 245 25.25 -7.67 3.94
C LEU A 245 26.02 -6.73 2.98
N GLU A 246 26.43 -5.56 3.48
CA GLU A 246 27.13 -4.58 2.65
C GLU A 246 28.43 -5.14 2.07
N ARG A 247 29.19 -5.91 2.89
CA ARG A 247 30.41 -6.59 2.45
C ARG A 247 30.22 -7.39 1.16
N GLN A 248 29.04 -7.98 0.99
CA GLN A 248 28.78 -8.79 -0.21
C GLN A 248 28.49 -7.99 -1.47
N ALA A 249 28.22 -6.69 -1.31
CA ALA A 249 27.91 -5.85 -2.48
C ALA A 249 29.03 -5.83 -3.53
N LYS A 250 30.29 -5.70 -3.09
CA LYS A 250 31.44 -5.68 -4.01
C LYS A 250 31.39 -6.82 -5.02
N GLU A 251 31.19 -8.04 -4.52
CA GLU A 251 31.16 -9.18 -5.40
C GLU A 251 29.96 -9.14 -6.33
N TRP A 252 28.76 -8.95 -5.76
CA TRP A 252 27.55 -9.00 -6.54
C TRP A 252 27.44 -7.87 -7.57
N LEU A 253 27.91 -6.67 -7.20
CA LEU A 253 27.82 -5.49 -8.06
C LEU A 253 29.02 -5.35 -9.03
N LYS A 254 30.04 -6.18 -8.84
CA LYS A 254 31.30 -6.09 -9.62
C LYS A 254 31.93 -4.70 -9.46
N LEU A 255 31.97 -4.23 -8.21
CA LEU A 255 32.66 -2.99 -7.84
C LEU A 255 34.17 -3.14 -7.98
N MET B 1 7.11 -34.83 34.40
CA MET B 1 7.87 -33.58 34.11
C MET B 1 7.53 -33.08 32.72
N LYS B 2 7.26 -31.78 32.67
CA LYS B 2 6.96 -31.08 31.42
C LYS B 2 8.20 -30.29 30.95
N ILE B 3 8.65 -30.56 29.72
CA ILE B 3 9.84 -29.85 29.21
C ILE B 3 9.57 -29.17 27.89
N GLY B 4 10.45 -28.27 27.50
CA GLY B 4 10.37 -27.68 26.16
C GLY B 4 11.56 -28.11 25.32
N VAL B 5 11.35 -28.18 24.01
CA VAL B 5 12.45 -28.43 23.07
C VAL B 5 12.47 -27.31 22.04
N PHE B 6 13.62 -26.65 21.92
CA PHE B 6 13.76 -25.52 20.98
C PHE B 6 14.75 -25.83 19.86
N ASP B 7 14.31 -25.62 18.61
CA ASP B 7 15.22 -25.71 17.47
C ASP B 7 14.90 -24.61 16.48
N SER B 8 15.81 -24.36 15.56
CA SER B 8 15.57 -23.41 14.47
C SER B 8 14.44 -23.87 13.52
N GLY B 9 14.18 -25.19 13.46
CA GLY B 9 13.21 -25.70 12.49
C GLY B 9 12.83 -27.13 12.75
N VAL B 10 13.10 -27.99 11.77
CA VAL B 10 12.74 -29.40 11.89
C VAL B 10 13.93 -30.27 12.31
N GLY B 11 15.12 -29.70 12.25
CA GLY B 11 16.32 -30.46 12.63
C GLY B 11 16.23 -31.03 14.03
N GLY B 12 15.59 -30.29 14.94
CA GLY B 12 15.47 -30.71 16.34
C GLY B 12 14.77 -32.05 16.50
N PHE B 13 14.12 -32.50 15.44
CA PHE B 13 13.43 -33.80 15.46
C PHE B 13 14.39 -34.96 15.63
N SER B 14 15.66 -34.79 15.26
CA SER B 14 16.66 -35.84 15.54
C SER B 14 16.90 -35.96 17.06
N VAL B 15 16.85 -34.84 17.79
CA VAL B 15 16.93 -34.83 19.26
C VAL B 15 15.61 -35.35 19.88
N LEU B 16 14.49 -34.88 19.34
CA LEU B 16 13.17 -35.37 19.79
C LEU B 16 13.08 -36.88 19.67
N LYS B 17 13.59 -37.43 18.57
CA LYS B 17 13.61 -38.88 18.37
C LYS B 17 14.35 -39.59 19.51
N SER B 18 15.58 -39.14 19.82
CA SER B 18 16.33 -39.66 20.99
C SER B 18 15.54 -39.56 22.29
N LEU B 19 14.95 -38.37 22.51
CA LEU B 19 14.20 -38.08 23.72
C LEU B 19 13.02 -39.02 23.89
N LEU B 20 12.28 -39.26 22.80
CA LEU B 20 11.07 -40.09 22.87
C LEU B 20 11.46 -41.53 23.18
N LYS B 21 12.52 -42.01 22.53
CA LYS B 21 13.04 -43.37 22.74
C LYS B 21 13.43 -43.62 24.20
N ALA B 22 13.96 -42.60 24.87
CA ALA B 22 14.48 -42.69 26.25
C ALA B 22 13.42 -42.63 27.34
N ARG B 23 12.19 -42.25 26.97
CA ARG B 23 11.05 -42.20 27.91
C ARG B 23 11.36 -41.47 29.22
N LEU B 24 11.91 -40.26 29.13
CA LEU B 24 12.26 -39.50 30.34
C LEU B 24 11.15 -38.58 30.82
N PHE B 25 10.36 -38.06 29.89
CA PHE B 25 9.43 -36.94 30.18
C PHE B 25 8.01 -37.26 29.82
N ASP B 26 7.05 -36.72 30.58
CA ASP B 26 5.62 -37.01 30.34
C ASP B 26 4.99 -36.05 29.34
N GLU B 27 5.63 -34.90 29.16
CA GLU B 27 5.09 -33.85 28.30
C GLU B 27 6.22 -33.03 27.66
N ILE B 28 6.10 -32.83 26.36
CA ILE B 28 7.13 -32.12 25.58
C ILE B 28 6.48 -31.06 24.69
N ILE B 29 6.95 -29.83 24.84
CA ILE B 29 6.53 -28.74 23.98
C ILE B 29 7.65 -28.44 23.01
N TYR B 30 7.44 -28.79 21.73
CA TYR B 30 8.46 -28.53 20.71
C TYR B 30 8.15 -27.22 19.98
N TYR B 31 9.16 -26.36 19.87
CA TYR B 31 9.06 -25.12 19.11
C TYR B 31 10.20 -25.01 18.10
N GLY B 32 9.87 -24.92 16.82
CA GLY B 32 10.85 -24.76 15.74
C GLY B 32 10.62 -23.39 15.13
N ASP B 33 11.66 -22.56 15.10
CA ASP B 33 11.55 -21.20 14.55
C ASP B 33 11.63 -21.24 13.01
N SER B 34 10.72 -22.01 12.38
CA SER B 34 10.79 -22.32 10.94
C SER B 34 10.56 -21.12 10.04
N ALA B 35 10.05 -20.01 10.57
CA ALA B 35 10.03 -18.75 9.72
C ALA B 35 11.44 -18.18 9.47
N ARG B 36 12.38 -18.47 10.37
CA ARG B 36 13.72 -17.84 10.35
C ARG B 36 14.92 -18.77 10.14
N VAL B 37 14.68 -20.08 10.14
CA VAL B 37 15.69 -21.06 9.81
C VAL B 37 16.34 -20.74 8.44
N PRO B 38 17.68 -20.95 8.26
CA PRO B 38 18.68 -21.48 9.18
C PRO B 38 19.23 -20.40 10.10
N TYR B 39 19.74 -20.84 11.26
CA TYR B 39 20.49 -20.00 12.16
C TYR B 39 21.97 -20.10 11.79
N GLY B 40 22.40 -21.27 11.29
CA GLY B 40 23.83 -21.54 11.00
C GLY B 40 24.62 -20.61 10.08
N THR B 41 23.92 -19.93 9.18
CA THR B 41 24.51 -19.03 8.17
C THR B 41 24.54 -17.55 8.62
N LYS B 42 24.01 -17.28 9.81
CA LYS B 42 23.82 -15.91 10.30
C LYS B 42 24.83 -15.57 11.43
N ASP B 43 24.74 -14.36 11.97
CA ASP B 43 25.80 -13.84 12.84
C ASP B 43 25.47 -14.07 14.31
N PRO B 44 26.50 -14.03 15.18
CA PRO B 44 26.32 -14.27 16.62
C PRO B 44 25.26 -13.39 17.27
N THR B 45 25.25 -12.10 16.96
CA THR B 45 24.29 -11.20 17.63
C THR B 45 22.85 -11.60 17.26
N THR B 46 22.61 -11.83 15.97
CA THR B 46 21.26 -12.25 15.48
C THR B 46 20.84 -13.58 16.16
N ILE B 47 21.76 -14.53 16.19
CA ILE B 47 21.48 -15.84 16.80
C ILE B 47 21.16 -15.72 18.29
N LYS B 48 21.95 -14.92 19.01
CA LYS B 48 21.69 -14.62 20.42
C LYS B 48 20.29 -14.02 20.61
N GLN B 49 19.92 -13.05 19.77
CA GLN B 49 18.59 -12.46 19.85
C GLN B 49 17.48 -13.50 19.59
N PHE B 50 17.69 -14.37 18.60
CA PHE B 50 16.78 -15.50 18.33
C PHE B 50 16.54 -16.35 19.60
N GLY B 51 17.63 -16.67 20.30
CA GLY B 51 17.61 -17.46 21.54
C GLY B 51 16.80 -16.79 22.64
N LEU B 52 17.07 -15.50 22.88
CA LEU B 52 16.27 -14.71 23.82
C LEU B 52 14.77 -14.71 23.50
N GLU B 53 14.42 -14.55 22.23
CA GLU B 53 13.01 -14.52 21.84
C GLU B 53 12.36 -15.87 22.05
N ALA B 54 13.12 -16.95 21.88
CA ALA B 54 12.60 -18.30 22.12
C ALA B 54 12.13 -18.44 23.58
N LEU B 55 12.82 -17.81 24.53
CA LEU B 55 12.34 -17.79 25.91
C LEU B 55 10.95 -17.21 26.07
N ASP B 56 10.66 -16.12 25.35
CA ASP B 56 9.32 -15.56 25.38
C ASP B 56 8.30 -16.58 24.98
N PHE B 57 8.64 -17.37 23.95
CA PHE B 57 7.69 -18.35 23.44
C PHE B 57 7.27 -19.33 24.53
N PHE B 58 8.24 -19.80 25.30
CA PHE B 58 7.97 -20.87 26.28
C PHE B 58 7.34 -20.38 27.57
N LYS B 59 7.41 -19.07 27.82
CA LYS B 59 6.92 -18.52 29.08
C LYS B 59 5.51 -19.03 29.50
N PRO B 60 4.47 -18.90 28.64
CA PRO B 60 3.13 -19.38 29.06
C PRO B 60 3.00 -20.91 29.18
N HIS B 61 4.00 -21.63 28.70
CA HIS B 61 3.94 -23.08 28.68
C HIS B 61 4.36 -23.69 30.01
N GLU B 62 4.94 -22.85 30.86
CA GLU B 62 5.36 -23.25 32.21
C GLU B 62 6.12 -24.58 32.20
N ILE B 63 7.20 -24.61 31.41
CA ILE B 63 8.00 -25.81 31.28
C ILE B 63 8.98 -25.84 32.44
N GLU B 64 9.50 -27.02 32.77
CA GLU B 64 10.37 -27.21 33.93
C GLU B 64 11.86 -27.20 33.55
N LEU B 65 12.10 -27.37 32.27
CA LEU B 65 13.42 -27.51 31.71
C LEU B 65 13.27 -27.17 30.23
N LEU B 66 14.24 -26.43 29.70
CA LEU B 66 14.26 -26.20 28.25
C LEU B 66 15.48 -26.88 27.64
N ILE B 67 15.24 -27.75 26.68
CA ILE B 67 16.32 -28.32 25.89
C ILE B 67 16.54 -27.48 24.62
N VAL B 68 17.78 -27.08 24.38
CA VAL B 68 18.10 -26.41 23.13
C VAL B 68 18.67 -27.47 22.21
N ALA B 69 17.81 -27.99 21.32
CA ALA B 69 18.21 -29.09 20.44
C ALA B 69 19.16 -28.61 19.34
N CYS B 70 19.05 -27.32 19.02
CA CYS B 70 19.87 -26.73 17.95
C CYS B 70 21.33 -26.60 18.39
N ASN B 71 22.25 -27.20 17.64
CA ASN B 71 23.67 -26.99 17.94
C ASN B 71 24.15 -25.54 17.74
N THR B 72 23.58 -24.85 16.76
CA THR B 72 23.91 -23.46 16.47
C THR B 72 23.43 -22.57 17.61
N ALA B 73 22.14 -22.67 17.99
CA ALA B 73 21.69 -21.92 19.19
C ALA B 73 22.46 -22.32 20.45
N SER B 74 22.76 -23.62 20.61
CA SER B 74 23.56 -24.06 21.76
C SER B 74 24.95 -23.38 21.79
N ALA B 75 25.61 -23.32 20.63
CA ALA B 75 26.97 -22.76 20.57
C ALA B 75 26.97 -21.24 20.82
N LEU B 76 25.93 -20.55 20.36
CA LEU B 76 25.92 -19.08 20.36
C LEU B 76 25.01 -18.42 21.40
N ALA B 77 23.88 -19.05 21.69
CA ALA B 77 22.82 -18.36 22.46
C ALA B 77 22.61 -18.92 23.86
N LEU B 78 23.13 -20.11 24.12
CA LEU B 78 22.79 -20.82 25.38
C LEU B 78 23.14 -20.00 26.62
N GLU B 79 24.34 -19.46 26.65
CA GLU B 79 24.81 -18.66 27.78
C GLU B 79 23.90 -17.44 28.03
N GLU B 80 23.53 -16.73 26.95
CA GLU B 80 22.60 -15.59 27.05
C GLU B 80 21.22 -16.01 27.55
N MET B 81 20.65 -17.05 26.94
CA MET B 81 19.37 -17.61 27.38
C MET B 81 19.34 -17.97 28.88
N GLN B 82 20.41 -18.60 29.35
CA GLN B 82 20.53 -18.98 30.77
C GLN B 82 20.50 -17.75 31.68
N LYS B 83 21.09 -16.66 31.21
CA LYS B 83 21.11 -15.40 31.94
C LYS B 83 19.72 -14.81 32.17
N TYR B 84 18.79 -15.06 31.25
CA TYR B 84 17.42 -14.52 31.35
C TYR B 84 16.33 -15.51 31.77
N SER B 85 16.73 -16.73 32.13
CA SER B 85 15.83 -17.83 32.44
C SER B 85 15.88 -18.19 33.92
N LYS B 86 14.71 -18.43 34.51
CA LYS B 86 14.63 -18.97 35.87
C LYS B 86 14.70 -20.48 35.87
N ILE B 87 14.52 -21.11 34.70
CA ILE B 87 14.57 -22.58 34.62
C ILE B 87 15.88 -23.07 34.01
N PRO B 88 16.27 -24.32 34.32
CA PRO B 88 17.48 -24.85 33.67
C PRO B 88 17.30 -24.93 32.16
N ILE B 89 18.36 -24.53 31.47
CA ILE B 89 18.42 -24.69 30.03
C ILE B 89 19.62 -25.61 29.73
N VAL B 90 19.36 -26.68 29.00
CA VAL B 90 20.42 -27.59 28.59
C VAL B 90 20.55 -27.59 27.05
N GLY B 91 21.76 -27.34 26.55
CA GLY B 91 22.06 -27.42 25.12
C GLY B 91 22.77 -28.73 24.74
N VAL B 92 23.20 -28.83 23.49
CA VAL B 92 23.68 -30.10 22.95
C VAL B 92 25.20 -30.19 22.86
N ILE B 93 25.90 -29.13 23.26
CA ILE B 93 27.36 -29.10 23.15
C ILE B 93 28.00 -29.85 24.34
N GLU B 94 27.75 -29.34 25.55
CA GLU B 94 28.34 -29.91 26.76
C GLU B 94 28.03 -31.41 26.95
N PRO B 95 26.78 -31.86 26.72
CA PRO B 95 26.62 -33.33 26.83
C PRO B 95 27.52 -34.13 25.89
N SER B 96 27.80 -33.60 24.69
CA SER B 96 28.66 -34.33 23.76
C SER B 96 30.12 -34.34 24.26
N ILE B 97 30.55 -33.28 24.94
CA ILE B 97 31.88 -33.29 25.56
C ILE B 97 31.97 -34.43 26.61
N LEU B 98 30.94 -34.54 27.44
CA LEU B 98 30.88 -35.59 28.47
C LEU B 98 30.89 -37.00 27.87
N ALA B 99 30.20 -37.18 26.75
CA ALA B 99 30.19 -38.46 26.03
C ALA B 99 31.60 -38.81 25.54
N ILE B 100 32.28 -37.83 24.95
CA ILE B 100 33.68 -37.99 24.51
C ILE B 100 34.57 -38.33 25.71
N LYS B 101 34.43 -37.62 26.82
CA LYS B 101 35.19 -37.98 28.04
C LYS B 101 35.01 -39.46 28.38
N ARG B 102 33.76 -39.93 28.36
CA ARG B 102 33.47 -41.34 28.61
C ARG B 102 34.05 -42.31 27.59
N GLN B 103 34.00 -41.95 26.31
CA GLN B 103 34.26 -42.89 25.22
C GLN B 103 35.66 -42.79 24.60
N VAL B 104 36.38 -41.69 24.85
CA VAL B 104 37.65 -41.43 24.17
C VAL B 104 38.75 -41.24 25.22
N GLU B 105 39.46 -42.33 25.53
CA GLU B 105 40.44 -42.33 26.62
C GLU B 105 41.72 -41.55 26.26
N ASP B 106 42.12 -41.65 25.01
CA ASP B 106 43.34 -41.00 24.50
C ASP B 106 43.08 -39.52 24.20
N LYS B 107 43.66 -38.66 25.03
CA LYS B 107 43.55 -37.21 24.86
C LYS B 107 44.14 -36.70 23.55
N ASN B 108 44.99 -37.49 22.92
CA ASN B 108 45.48 -37.12 21.59
C ASN B 108 44.75 -37.77 20.40
N ALA B 109 43.62 -38.41 20.69
CA ALA B 109 42.80 -38.99 19.63
C ALA B 109 42.30 -37.89 18.67
N PRO B 110 42.54 -38.04 17.33
CA PRO B 110 42.09 -37.02 16.37
C PRO B 110 40.56 -36.92 16.32
N ILE B 111 40.03 -35.79 16.78
CA ILE B 111 38.59 -35.52 16.77
C ILE B 111 38.28 -34.49 15.67
N LEU B 112 37.25 -34.77 14.88
CA LEU B 112 36.75 -33.84 13.88
C LEU B 112 35.35 -33.34 14.24
N VAL B 113 35.22 -32.03 14.40
CA VAL B 113 33.93 -31.40 14.68
C VAL B 113 33.26 -30.94 13.36
N LEU B 114 32.05 -31.43 13.08
CA LEU B 114 31.31 -30.95 11.92
C LEU B 114 30.18 -30.09 12.46
N GLY B 115 29.89 -28.99 11.79
CA GLY B 115 28.85 -28.09 12.29
C GLY B 115 28.51 -27.08 11.22
N THR B 116 27.52 -26.25 11.52
CA THR B 116 27.24 -25.09 10.66
C THR B 116 28.38 -24.11 10.76
N LYS B 117 28.39 -23.14 9.86
CA LYS B 117 29.40 -22.07 9.90
C LYS B 117 29.46 -21.37 11.25
N ALA B 118 28.29 -20.99 11.79
CA ALA B 118 28.24 -20.26 13.07
C ALA B 118 28.79 -21.12 14.22
N THR B 119 28.37 -22.38 14.27
CA THR B 119 28.80 -23.33 15.30
C THR B 119 30.31 -23.46 15.26
N ILE B 120 30.85 -23.64 14.07
CA ILE B 120 32.31 -23.84 13.93
C ILE B 120 33.10 -22.57 14.27
N GLN B 121 32.65 -21.44 13.72
CA GLN B 121 33.30 -20.16 14.04
C GLN B 121 33.29 -19.79 15.52
N SER B 122 32.27 -20.25 16.24
CA SER B 122 32.20 -20.01 17.67
C SER B 122 33.32 -20.71 18.45
N ASN B 123 33.89 -21.76 17.87
CA ASN B 123 34.81 -22.69 18.56
C ASN B 123 34.26 -23.25 19.89
N ALA B 124 32.94 -23.29 20.05
CA ALA B 124 32.34 -23.82 21.28
C ALA B 124 32.84 -25.26 21.56
N TYR B 125 32.83 -26.13 20.54
CA TYR B 125 33.35 -27.50 20.71
C TYR B 125 34.84 -27.54 21.04
N ASP B 126 35.66 -26.89 20.21
CA ASP B 126 37.13 -26.82 20.42
C ASP B 126 37.49 -26.34 21.82
N ASN B 127 36.86 -25.24 22.24
CA ASN B 127 37.14 -24.69 23.56
C ASN B 127 36.78 -25.67 24.68
N ALA B 128 35.60 -26.28 24.59
CA ALA B 128 35.16 -27.23 25.60
C ALA B 128 36.06 -28.48 25.66
N LEU B 129 36.44 -28.98 24.49
CA LEU B 129 37.35 -30.15 24.37
C LEU B 129 38.76 -29.84 24.91
N LYS B 130 39.32 -28.68 24.54
CA LYS B 130 40.62 -28.26 25.08
C LYS B 130 40.59 -28.16 26.60
N GLN B 131 39.47 -27.68 27.12
CA GLN B 131 39.27 -27.52 28.56
C GLN B 131 39.40 -28.88 29.25
N GLN B 132 38.94 -29.94 28.58
CA GLN B 132 39.02 -31.30 29.12
C GLN B 132 40.29 -32.08 28.75
N GLY B 133 41.28 -31.35 28.23
CA GLY B 133 42.57 -31.95 27.96
C GLY B 133 42.76 -32.52 26.57
N TYR B 134 41.75 -32.43 25.70
CA TYR B 134 41.87 -32.99 24.33
C TYR B 134 42.73 -32.09 23.46
N LEU B 135 43.71 -32.72 22.80
CA LEU B 135 44.83 -32.00 22.20
C LEU B 135 44.84 -31.93 20.67
N ASN B 136 44.03 -32.79 20.05
CA ASN B 136 44.06 -33.06 18.61
C ASN B 136 42.66 -32.84 17.98
N ILE B 137 42.27 -31.56 17.92
CA ILE B 137 40.93 -31.19 17.46
C ILE B 137 40.99 -30.47 16.11
N SER B 138 40.18 -30.96 15.18
CA SER B 138 39.99 -30.37 13.87
C SER B 138 38.52 -29.96 13.76
N HIS B 139 38.26 -28.94 12.95
CA HIS B 139 36.87 -28.50 12.76
C HIS B 139 36.59 -28.19 11.30
N LEU B 140 35.34 -28.36 10.92
CA LEU B 140 34.93 -28.19 9.53
C LEU B 140 33.45 -27.80 9.48
N ALA B 141 33.16 -26.63 8.91
CA ALA B 141 31.78 -26.21 8.65
C ALA B 141 31.29 -26.84 7.35
N THR B 142 30.53 -27.90 7.48
CA THR B 142 30.01 -28.62 6.31
C THR B 142 28.62 -28.04 6.05
N SER B 143 28.61 -26.75 5.72
CA SER B 143 27.38 -25.95 5.69
C SER B 143 26.32 -26.54 4.76
N LEU B 144 26.74 -26.94 3.57
CA LEU B 144 25.79 -27.43 2.56
C LEU B 144 25.13 -28.78 2.89
N PHE B 145 25.67 -29.55 3.83
CA PHE B 145 24.96 -30.75 4.28
C PHE B 145 23.53 -30.40 4.76
N VAL B 146 23.39 -29.24 5.41
CA VAL B 146 22.05 -28.85 5.94
C VAL B 146 20.96 -28.77 4.84
N PRO B 147 21.14 -27.89 3.81
CA PRO B 147 20.15 -27.84 2.74
C PRO B 147 19.94 -29.17 1.97
N LEU B 148 21.02 -29.92 1.75
CA LEU B 148 20.88 -31.24 1.10
C LEU B 148 19.93 -32.12 1.91
N ILE B 149 20.14 -32.16 3.22
CA ILE B 149 19.33 -32.98 4.12
C ILE B 149 17.89 -32.47 4.21
N GLU B 150 17.72 -31.14 4.21
CA GLU B 150 16.36 -30.54 4.15
C GLU B 150 15.60 -30.97 2.92
N GLU B 151 16.33 -31.12 1.82
CA GLU B 151 15.78 -31.61 0.55
C GLU B 151 15.71 -33.15 0.44
N SER B 152 15.99 -33.84 1.54
CA SER B 152 16.01 -35.32 1.57
C SER B 152 17.01 -35.93 0.59
N ILE B 153 18.13 -35.27 0.40
CA ILE B 153 19.20 -35.83 -0.40
C ILE B 153 20.16 -36.55 0.54
N LEU B 154 19.80 -37.81 0.82
CA LEU B 154 20.50 -38.63 1.82
C LEU B 154 21.32 -39.77 1.21
N GLU B 155 21.43 -39.74 -0.13
CA GLU B 155 22.15 -40.73 -0.91
C GLU B 155 22.51 -40.15 -2.28
N GLY B 156 23.32 -40.90 -3.02
CA GLY B 156 23.53 -40.63 -4.43
C GLY B 156 24.65 -39.67 -4.72
N GLU B 157 24.79 -39.32 -5.99
CA GLU B 157 25.95 -38.59 -6.46
C GLU B 157 26.10 -37.19 -5.87
N LEU B 158 24.99 -36.46 -5.75
CA LEU B 158 25.01 -35.12 -5.18
C LEU B 158 25.60 -35.12 -3.76
N LEU B 159 25.08 -36.00 -2.90
CA LEU B 159 25.61 -36.15 -1.53
C LEU B 159 27.09 -36.58 -1.53
N GLU B 160 27.41 -37.62 -2.30
CA GLU B 160 28.81 -38.06 -2.38
C GLU B 160 29.75 -36.92 -2.80
N THR B 161 29.35 -36.16 -3.82
CA THR B 161 30.16 -35.03 -4.31
C THR B 161 30.33 -33.96 -3.23
N CYS B 162 29.24 -33.70 -2.51
CA CYS B 162 29.26 -32.70 -1.44
C CYS B 162 30.18 -33.13 -0.29
N MET B 163 30.07 -34.39 0.12
CA MET B 163 31.00 -34.93 1.13
C MET B 163 32.45 -34.86 0.63
N HIS B 164 32.69 -35.22 -0.63
CA HIS B 164 34.03 -35.13 -1.19
C HIS B 164 34.56 -33.68 -1.15
N TYR B 165 33.71 -32.75 -1.54
CA TYR B 165 34.02 -31.33 -1.48
C TYR B 165 34.58 -30.94 -0.11
N TYR B 166 33.90 -31.32 0.96
CA TYR B 166 34.34 -30.95 2.32
C TYR B 166 35.43 -31.85 2.88
N PHE B 167 35.41 -33.14 2.59
CA PHE B 167 36.34 -34.06 3.27
C PHE B 167 37.71 -34.23 2.59
N THR B 168 37.79 -33.99 1.28
CA THR B 168 39.07 -34.27 0.58
C THR B 168 40.31 -33.52 1.10
N PRO B 169 40.17 -32.22 1.47
CA PRO B 169 41.34 -31.51 1.97
C PRO B 169 41.84 -31.96 3.34
N LEU B 170 41.12 -32.86 4.00
CA LEU B 170 41.55 -33.34 5.33
C LEU B 170 42.90 -34.02 5.28
N GLU B 171 43.79 -33.60 6.18
CA GLU B 171 45.13 -34.13 6.34
C GLU B 171 45.28 -35.12 7.52
N ILE B 172 44.29 -35.12 8.41
CA ILE B 172 44.27 -36.04 9.53
C ILE B 172 43.02 -36.87 9.38
N LEU B 173 43.18 -38.18 9.51
CA LEU B 173 42.02 -39.09 9.51
C LEU B 173 41.42 -39.14 10.92
N PRO B 174 40.15 -38.66 11.09
CA PRO B 174 39.59 -38.64 12.44
C PRO B 174 39.32 -40.03 13.04
N GLU B 175 39.59 -40.16 14.33
CA GLU B 175 39.13 -41.31 15.08
C GLU B 175 37.71 -41.09 15.58
N VAL B 176 37.35 -39.82 15.80
CA VAL B 176 36.03 -39.44 16.35
C VAL B 176 35.51 -38.29 15.49
N ILE B 177 34.25 -38.37 15.09
CA ILE B 177 33.60 -37.29 14.36
C ILE B 177 32.38 -36.86 15.17
N ILE B 178 32.33 -35.58 15.51
CA ILE B 178 31.18 -35.04 16.22
C ILE B 178 30.17 -34.56 15.17
N LEU B 179 28.96 -35.11 15.25
CA LEU B 179 27.84 -34.66 14.44
C LEU B 179 27.24 -33.41 15.10
N GLY B 180 27.98 -32.31 15.00
CA GLY B 180 27.66 -31.04 15.67
C GLY B 180 26.57 -30.21 15.02
N CYS B 181 25.52 -30.89 14.53
CA CYS B 181 24.39 -30.23 13.86
C CYS B 181 23.22 -31.20 13.92
N THR B 182 22.02 -30.67 14.17
CA THR B 182 20.78 -31.46 14.21
C THR B 182 20.57 -32.34 12.98
N HIS B 183 21.02 -31.87 11.81
CA HIS B 183 20.70 -32.56 10.56
C HIS B 183 21.59 -33.77 10.32
N PHE B 184 22.79 -33.74 10.89
CA PHE B 184 23.82 -34.70 10.44
C PHE B 184 23.57 -36.19 10.76
N PRO B 185 22.88 -36.50 11.88
CA PRO B 185 22.52 -37.94 12.06
C PRO B 185 21.88 -38.59 10.83
N LEU B 186 21.16 -37.81 10.01
CA LEU B 186 20.47 -38.40 8.83
C LEU B 186 21.39 -38.88 7.70
N ILE B 187 22.67 -38.50 7.79
CA ILE B 187 23.70 -38.98 6.85
C ILE B 187 24.87 -39.67 7.58
N ALA B 188 24.65 -40.07 8.83
CA ALA B 188 25.70 -40.70 9.63
C ALA B 188 26.35 -41.90 8.92
N GLN B 189 25.51 -42.83 8.43
CA GLN B 189 26.04 -44.00 7.72
C GLN B 189 26.82 -43.64 6.44
N LYS B 190 26.34 -42.62 5.71
CA LYS B 190 27.04 -42.14 4.50
C LYS B 190 28.39 -41.52 4.85
N ILE B 191 28.44 -40.78 5.96
CA ILE B 191 29.72 -40.23 6.47
C ILE B 191 30.67 -41.37 6.86
N GLU B 192 30.16 -42.33 7.64
CA GLU B 192 30.97 -43.51 7.98
C GLU B 192 31.53 -44.20 6.72
N GLY B 193 30.65 -44.40 5.74
CA GLY B 193 30.99 -45.03 4.47
C GLY B 193 32.03 -44.26 3.68
N TYR B 194 31.97 -42.93 3.74
CA TYR B 194 32.94 -42.11 3.04
C TYR B 194 34.36 -42.34 3.56
N PHE B 195 34.51 -42.29 4.88
CA PHE B 195 35.82 -42.47 5.49
C PHE B 195 36.40 -43.88 5.31
N MET B 196 35.53 -44.88 5.43
CA MET B 196 35.95 -46.24 5.16
C MET B 196 36.38 -46.42 3.70
N GLY B 197 35.56 -45.93 2.77
CA GLY B 197 35.91 -46.00 1.36
C GLY B 197 37.18 -45.24 1.02
N HIS B 198 37.20 -43.96 1.33
CA HIS B 198 38.31 -43.09 0.90
C HIS B 198 39.60 -43.27 1.67
N PHE B 199 39.55 -43.72 2.93
CA PHE B 199 40.78 -43.87 3.71
C PHE B 199 41.20 -45.32 3.96
N ALA B 200 40.46 -46.25 3.35
CA ALA B 200 40.71 -47.69 3.43
C ALA B 200 40.66 -48.25 4.85
N LEU B 201 39.48 -48.15 5.47
CA LEU B 201 39.29 -48.52 6.85
C LEU B 201 38.36 -49.71 6.98
N PRO B 202 38.74 -50.71 7.78
CA PRO B 202 37.81 -51.79 8.10
C PRO B 202 36.67 -51.35 9.02
N THR B 203 36.93 -50.38 9.88
CA THR B 203 35.98 -49.84 10.86
C THR B 203 35.82 -48.32 10.62
N PRO B 204 34.59 -47.79 10.71
CA PRO B 204 34.45 -46.33 10.55
C PRO B 204 34.89 -45.58 11.82
N PRO B 205 35.16 -44.26 11.70
CA PRO B 205 35.39 -43.47 12.90
C PRO B 205 34.20 -43.56 13.87
N LEU B 206 34.42 -43.24 15.13
CA LEU B 206 33.30 -43.16 16.07
C LEU B 206 32.52 -41.85 15.83
N LEU B 207 31.21 -41.98 15.66
CA LEU B 207 30.36 -40.78 15.47
C LEU B 207 29.63 -40.42 16.76
N ILE B 208 29.70 -39.15 17.15
CA ILE B 208 29.00 -38.66 18.35
C ILE B 208 27.71 -37.96 17.93
N HIS B 209 26.58 -38.52 18.35
CA HIS B 209 25.22 -38.05 18.01
C HIS B 209 24.75 -37.12 19.13
N SER B 210 24.35 -35.88 18.80
CA SER B 210 24.01 -34.89 19.83
C SER B 210 22.80 -35.32 20.64
N GLY B 211 21.82 -35.92 19.97
CA GLY B 211 20.60 -36.38 20.67
C GLY B 211 20.89 -37.46 21.69
N ASP B 212 21.70 -38.43 21.30
CA ASP B 212 22.05 -39.49 22.22
C ASP B 212 22.87 -38.97 23.40
N ALA B 213 23.78 -38.01 23.16
CA ALA B 213 24.61 -37.47 24.25
C ALA B 213 23.76 -36.70 25.27
N ILE B 214 22.82 -35.90 24.77
CA ILE B 214 21.95 -35.16 25.70
C ILE B 214 21.04 -36.08 26.53
N VAL B 215 20.51 -37.14 25.94
CA VAL B 215 19.78 -38.16 26.69
C VAL B 215 20.63 -38.71 27.84
N GLU B 216 21.88 -39.11 27.57
CA GLU B 216 22.76 -39.61 28.65
C GLU B 216 22.94 -38.60 29.77
N TYR B 217 23.16 -37.35 29.38
CA TYR B 217 23.34 -36.28 30.34
C TYR B 217 22.11 -36.08 31.24
N LEU B 218 20.93 -36.00 30.60
CA LEU B 218 19.70 -35.67 31.30
C LEU B 218 19.33 -36.74 32.31
N GLN B 219 19.44 -38.01 31.91
CA GLN B 219 19.21 -39.12 32.84
C GLN B 219 20.05 -39.04 34.13
N GLN B 220 21.34 -38.74 33.97
CA GLN B 220 22.23 -38.60 35.11
C GLN B 220 21.92 -37.37 35.96
N LYS B 221 21.68 -36.23 35.31
CA LYS B 221 21.47 -34.96 36.01
C LYS B 221 20.18 -34.96 36.82
N TYR B 222 19.13 -35.54 36.26
CA TYR B 222 17.81 -35.54 36.89
C TYR B 222 17.46 -36.88 37.53
N ALA B 223 18.46 -37.77 37.57
CA ALA B 223 18.31 -39.12 38.12
C ALA B 223 17.04 -39.75 37.56
N LEU B 224 16.95 -39.82 36.23
CA LEU B 224 15.73 -40.32 35.60
C LEU B 224 15.89 -41.79 35.26
N LYS B 225 14.81 -42.55 35.42
CA LYS B 225 14.75 -43.90 34.89
C LYS B 225 14.04 -43.80 33.53
N ASN B 226 14.26 -44.79 32.66
CA ASN B 226 13.63 -44.77 31.34
C ASN B 226 12.20 -45.29 31.43
N ASN B 227 11.42 -44.65 32.30
CA ASN B 227 10.11 -45.16 32.70
C ASN B 227 8.98 -44.12 32.71
N ALA B 228 9.22 -42.98 32.10
CA ALA B 228 8.13 -42.06 31.84
C ALA B 228 7.34 -42.62 30.66
N CYS B 229 6.37 -41.85 30.21
CA CYS B 229 5.50 -42.23 29.11
C CYS B 229 6.25 -42.84 27.94
N THR B 230 5.81 -44.02 27.51
CA THR B 230 6.22 -44.51 26.19
C THR B 230 5.72 -43.52 25.12
N PHE B 231 4.50 -43.05 25.29
CA PHE B 231 3.86 -42.10 24.37
C PHE B 231 3.44 -40.85 25.16
N PRO B 232 4.40 -39.93 25.38
CA PRO B 232 4.08 -38.71 26.13
C PRO B 232 3.19 -37.77 25.33
N LYS B 233 2.66 -36.77 26.02
CA LYS B 233 1.97 -35.68 25.34
C LYS B 233 3.02 -34.81 24.66
N VAL B 234 2.89 -34.63 23.35
CA VAL B 234 3.83 -33.79 22.58
C VAL B 234 3.04 -32.73 21.81
N GLU B 235 3.40 -31.46 21.99
CA GLU B 235 2.82 -30.36 21.21
C GLU B 235 3.86 -29.87 20.23
N PHE B 236 3.40 -29.53 19.02
CA PHE B 236 4.27 -28.95 17.99
C PHE B 236 3.89 -27.51 17.73
N HIS B 237 4.87 -26.63 17.79
CA HIS B 237 4.65 -25.21 17.52
C HIS B 237 5.69 -24.72 16.52
N ALA B 238 5.34 -23.73 15.70
CA ALA B 238 6.30 -23.20 14.75
C ALA B 238 6.04 -21.71 14.48
N SER B 239 7.10 -20.98 14.12
CA SER B 239 6.89 -19.60 13.68
C SER B 239 6.41 -19.56 12.23
N GLY B 240 6.80 -20.56 11.44
CA GLY B 240 6.24 -20.76 10.09
C GLY B 240 4.99 -21.59 10.20
N ASP B 241 4.55 -22.19 9.09
CA ASP B 241 3.31 -22.94 9.05
C ASP B 241 3.49 -24.23 9.85
N VAL B 242 2.69 -24.38 10.91
CA VAL B 242 2.88 -25.51 11.81
C VAL B 242 2.52 -26.85 11.15
N ILE B 243 1.60 -26.83 10.19
CA ILE B 243 1.27 -28.03 9.42
C ILE B 243 2.50 -28.50 8.65
N TRP B 244 3.22 -27.55 8.03
CA TRP B 244 4.44 -27.91 7.32
C TRP B 244 5.46 -28.57 8.27
N LEU B 245 5.61 -28.01 9.46
CA LEU B 245 6.56 -28.52 10.47
C LEU B 245 6.20 -29.95 10.91
N GLU B 246 4.95 -30.13 11.31
CA GLU B 246 4.48 -31.44 11.76
C GLU B 246 4.55 -32.48 10.67
N ARG B 247 4.26 -32.09 9.43
CA ARG B 247 4.39 -32.97 8.29
C ARG B 247 5.81 -33.61 8.26
N GLN B 248 6.82 -32.78 8.49
CA GLN B 248 8.21 -33.24 8.49
C GLN B 248 8.54 -34.11 9.69
N ALA B 249 7.95 -33.77 10.84
CA ALA B 249 8.15 -34.53 12.08
C ALA B 249 7.86 -35.96 11.79
N LYS B 250 6.75 -36.17 11.09
CA LYS B 250 6.31 -37.52 10.79
C LYS B 250 7.39 -38.30 10.05
N GLU B 251 8.14 -37.61 9.19
CA GLU B 251 9.23 -38.22 8.43
C GLU B 251 10.52 -38.42 9.23
N TRP B 252 10.88 -37.45 10.08
CA TRP B 252 12.11 -37.53 10.88
C TRP B 252 12.01 -38.49 12.07
N LEU B 253 10.80 -38.63 12.62
CA LEU B 253 10.61 -39.46 13.82
C LEU B 253 10.56 -40.94 13.48
N LYS B 254 10.10 -41.24 12.27
CA LYS B 254 10.03 -42.61 11.74
C LYS B 254 11.41 -43.28 11.70
N MET C 1 -16.75 41.59 -32.59
CA MET C 1 -17.53 40.35 -32.36
C MET C 1 -17.95 40.35 -30.90
N LYS C 2 -19.21 39.98 -30.68
CA LYS C 2 -19.76 39.80 -29.34
C LYS C 2 -19.94 38.30 -29.09
N ILE C 3 -19.34 37.82 -27.99
CA ILE C 3 -19.40 36.41 -27.64
C ILE C 3 -19.92 36.16 -26.22
N GLY C 4 -20.29 34.92 -25.94
CA GLY C 4 -20.62 34.48 -24.59
C GLY C 4 -19.51 33.56 -24.07
N VAL C 5 -19.33 33.56 -22.75
CA VAL C 5 -18.47 32.57 -22.09
C VAL C 5 -19.28 31.96 -20.94
N PHE C 6 -19.38 30.63 -20.93
CA PHE C 6 -20.18 29.91 -19.96
C PHE C 6 -19.25 29.07 -19.10
N ASP C 7 -19.42 29.20 -17.77
CA ASP C 7 -18.79 28.26 -16.84
C ASP C 7 -19.74 27.93 -15.70
N SER C 8 -19.43 26.87 -14.94
CA SER C 8 -20.21 26.57 -13.73
C SER C 8 -20.09 27.65 -12.63
N GLY C 9 -19.06 28.51 -12.70
CA GLY C 9 -18.82 29.47 -11.62
C GLY C 9 -17.77 30.51 -11.96
N VAL C 10 -16.75 30.57 -11.11
CA VAL C 10 -15.64 31.51 -11.33
C VAL C 10 -14.44 30.87 -12.02
N GLY C 11 -14.40 29.54 -12.12
CA GLY C 11 -13.24 28.87 -12.75
C GLY C 11 -12.98 29.36 -14.16
N GLY C 12 -14.05 29.72 -14.86
CA GLY C 12 -14.02 30.18 -16.26
C GLY C 12 -13.19 31.45 -16.43
N PHE C 13 -12.93 32.12 -15.31
CA PHE C 13 -12.04 33.29 -15.31
C PHE C 13 -10.60 32.94 -15.75
N SER C 14 -10.19 31.67 -15.59
CA SER C 14 -8.87 31.32 -16.12
C SER C 14 -8.87 31.34 -17.64
N VAL C 15 -10.01 31.00 -18.27
CA VAL C 15 -10.16 31.08 -19.73
C VAL C 15 -10.34 32.55 -20.17
N LEU C 16 -11.23 33.25 -19.48
CA LEU C 16 -11.39 34.71 -19.67
C LEU C 16 -10.04 35.48 -19.64
N LYS C 17 -9.16 35.14 -18.69
CA LYS C 17 -7.83 35.75 -18.63
C LYS C 17 -7.07 35.58 -19.98
N SER C 18 -7.08 34.37 -20.52
CA SER C 18 -6.45 34.10 -21.80
C SER C 18 -7.11 34.92 -22.92
N LEU C 19 -8.44 34.98 -22.92
CA LEU C 19 -9.17 35.69 -23.96
C LEU C 19 -8.88 37.19 -23.97
N LEU C 20 -8.79 37.78 -22.78
CA LEU C 20 -8.53 39.22 -22.62
C LEU C 20 -7.09 39.57 -22.99
N LYS C 21 -6.15 38.71 -22.60
CA LYS C 21 -4.75 38.85 -23.04
C LYS C 21 -4.64 38.89 -24.57
N ALA C 22 -5.33 37.97 -25.25
CA ALA C 22 -5.28 37.88 -26.69
C ALA C 22 -6.03 39.02 -27.39
N ARG C 23 -6.89 39.72 -26.63
CA ARG C 23 -7.67 40.85 -27.14
C ARG C 23 -8.50 40.48 -28.36
N LEU C 24 -9.07 39.27 -28.34
CA LEU C 24 -9.75 38.73 -29.52
C LEU C 24 -11.12 39.35 -29.78
N PHE C 25 -11.83 39.69 -28.70
CA PHE C 25 -13.25 40.06 -28.79
C PHE C 25 -13.59 41.46 -28.25
N ASP C 26 -14.50 42.17 -28.92
CA ASP C 26 -14.93 43.50 -28.49
C ASP C 26 -15.84 43.44 -27.26
N GLU C 27 -16.65 42.39 -27.19
CA GLU C 27 -17.65 42.29 -26.13
C GLU C 27 -17.84 40.85 -25.71
N ILE C 28 -17.80 40.62 -24.40
CA ILE C 28 -17.87 39.30 -23.81
C ILE C 28 -18.97 39.28 -22.74
N ILE C 29 -19.90 38.34 -22.86
CA ILE C 29 -20.93 38.13 -21.86
C ILE C 29 -20.56 36.87 -21.06
N TYR C 30 -20.08 37.06 -19.84
CA TYR C 30 -19.70 35.94 -18.97
C TYR C 30 -20.88 35.49 -18.10
N TYR C 31 -21.17 34.20 -18.13
CA TYR C 31 -22.21 33.66 -17.26
C TYR C 31 -21.63 32.51 -16.46
N GLY C 32 -21.59 32.66 -15.14
CA GLY C 32 -21.20 31.56 -14.23
C GLY C 32 -22.39 31.05 -13.45
N ASP C 33 -22.67 29.74 -13.56
CA ASP C 33 -23.82 29.14 -12.87
C ASP C 33 -23.48 28.85 -11.39
N SER C 34 -23.06 29.90 -10.71
CA SER C 34 -22.53 29.84 -9.35
C SER C 34 -23.52 29.31 -8.29
N ALA C 35 -24.80 29.33 -8.58
CA ALA C 35 -25.81 28.72 -7.68
C ALA C 35 -25.69 27.21 -7.67
N ARG C 36 -25.18 26.60 -8.75
CA ARG C 36 -25.22 25.13 -8.95
C ARG C 36 -23.85 24.43 -9.02
N VAL C 37 -22.81 25.23 -9.00
CA VAL C 37 -21.42 24.74 -8.95
C VAL C 37 -21.22 23.86 -7.70
N PRO C 38 -20.45 22.75 -7.82
CA PRO C 38 -19.69 22.23 -8.95
C PRO C 38 -20.52 21.38 -9.92
N TYR C 39 -20.06 21.27 -11.15
CA TYR C 39 -20.64 20.36 -12.12
C TYR C 39 -19.86 19.02 -12.04
N GLY C 40 -18.57 19.11 -11.70
CA GLY C 40 -17.66 17.94 -11.81
C GLY C 40 -18.02 16.70 -11.01
N THR C 41 -18.82 16.90 -9.97
CA THR C 41 -19.20 15.84 -9.04
C THR C 41 -20.56 15.24 -9.42
N LYS C 42 -21.16 15.76 -10.48
CA LYS C 42 -22.51 15.36 -10.84
C LYS C 42 -22.60 14.49 -12.11
N ASP C 43 -23.82 14.16 -12.51
CA ASP C 43 -24.06 13.12 -13.49
C ASP C 43 -24.39 13.71 -14.86
N PRO C 44 -24.18 12.92 -15.93
CA PRO C 44 -24.38 13.37 -17.29
C PRO C 44 -25.78 13.94 -17.59
N THR C 45 -26.84 13.35 -17.06
CA THR C 45 -28.20 13.89 -17.28
C THR C 45 -28.33 15.33 -16.74
N THR C 46 -27.91 15.52 -15.49
CA THR C 46 -27.96 16.82 -14.84
C THR C 46 -27.15 17.88 -15.62
N ILE C 47 -25.92 17.52 -15.98
CA ILE C 47 -25.02 18.46 -16.67
C ILE C 47 -25.50 18.84 -18.09
N LYS C 48 -26.01 17.87 -18.85
CA LYS C 48 -26.63 18.17 -20.14
C LYS C 48 -27.75 19.19 -20.02
N GLN C 49 -28.63 18.99 -19.04
CA GLN C 49 -29.70 19.93 -18.78
C GLN C 49 -29.16 21.31 -18.39
N PHE C 50 -28.17 21.34 -17.50
CA PHE C 50 -27.51 22.61 -17.14
C PHE C 50 -26.99 23.35 -18.36
N GLY C 51 -26.41 22.59 -19.28
CA GLY C 51 -25.89 23.14 -20.53
C GLY C 51 -26.96 23.74 -21.42
N LEU C 52 -28.08 23.04 -21.60
CA LEU C 52 -29.20 23.59 -22.38
C LEU C 52 -29.80 24.86 -21.75
N GLU C 53 -29.88 24.88 -20.42
CA GLU C 53 -30.33 26.08 -19.73
C GLU C 53 -29.37 27.29 -19.90
N ALA C 54 -28.09 26.99 -20.02
CA ALA C 54 -27.13 28.04 -20.32
C ALA C 54 -27.43 28.67 -21.69
N LEU C 55 -27.79 27.83 -22.67
CA LEU C 55 -28.22 28.35 -24.00
C LEU C 55 -29.39 29.32 -23.88
N ASP C 56 -30.39 28.96 -23.07
CA ASP C 56 -31.53 29.83 -22.81
C ASP C 56 -31.08 31.16 -22.21
N PHE C 57 -30.10 31.13 -21.29
CA PHE C 57 -29.60 32.39 -20.71
C PHE C 57 -29.09 33.36 -21.78
N PHE C 58 -28.37 32.83 -22.77
CA PHE C 58 -27.69 33.70 -23.75
C PHE C 58 -28.58 34.22 -24.87
N LYS C 59 -29.78 33.66 -25.00
CA LYS C 59 -30.69 34.03 -26.12
C LYS C 59 -30.90 35.55 -26.32
N PRO C 60 -31.31 36.31 -25.27
CA PRO C 60 -31.45 37.77 -25.46
C PRO C 60 -30.15 38.54 -25.68
N HIS C 61 -28.99 37.92 -25.45
CA HIS C 61 -27.72 38.67 -25.52
C HIS C 61 -27.21 38.83 -26.94
N GLU C 62 -27.83 38.07 -27.85
CA GLU C 62 -27.47 38.06 -29.27
C GLU C 62 -25.97 37.87 -29.46
N ILE C 63 -25.46 36.77 -28.93
CA ILE C 63 -24.03 36.49 -29.04
C ILE C 63 -23.79 35.77 -30.36
N GLU C 64 -22.56 35.87 -30.88
CA GLU C 64 -22.20 35.28 -32.18
C GLU C 64 -21.56 33.90 -32.05
N LEU C 65 -20.97 33.64 -30.88
CA LEU C 65 -20.28 32.39 -30.63
C LEU C 65 -20.37 32.19 -29.11
N LEU C 66 -20.50 30.95 -28.69
CA LEU C 66 -20.48 30.64 -27.25
C LEU C 66 -19.27 29.76 -26.90
N ILE C 67 -18.42 30.28 -26.03
CA ILE C 67 -17.33 29.52 -25.48
C ILE C 67 -17.78 28.84 -24.20
N VAL C 68 -17.61 27.52 -24.14
CA VAL C 68 -17.91 26.76 -22.92
C VAL C 68 -16.55 26.60 -22.24
N ALA C 69 -16.26 27.52 -21.32
CA ALA C 69 -14.97 27.55 -20.59
C ALA C 69 -14.80 26.35 -19.65
N CYS C 70 -15.90 25.81 -19.17
CA CYS C 70 -15.91 24.69 -18.23
C CYS C 70 -15.53 23.38 -18.93
N ASN C 71 -14.50 22.68 -18.44
CA ASN C 71 -14.09 21.41 -19.07
C ASN C 71 -15.15 20.34 -18.80
N THR C 72 -15.85 20.45 -17.68
CA THR C 72 -16.90 19.45 -17.32
C THR C 72 -18.08 19.56 -18.29
N ALA C 73 -18.62 20.78 -18.44
CA ALA C 73 -19.68 21.02 -19.39
C ALA C 73 -19.21 20.68 -20.81
N SER C 74 -17.94 20.98 -21.11
CA SER C 74 -17.39 20.66 -22.43
C SER C 74 -17.42 19.15 -22.63
N ALA C 75 -17.04 18.41 -21.59
CA ALA C 75 -17.03 16.94 -21.66
C ALA C 75 -18.44 16.33 -21.76
N LEU C 76 -19.40 16.85 -21.00
CA LEU C 76 -20.71 16.20 -20.84
C LEU C 76 -21.84 16.80 -21.67
N ALA C 77 -21.79 18.10 -21.92
CA ALA C 77 -22.98 18.82 -22.41
C ALA C 77 -22.79 19.39 -23.82
N LEU C 78 -21.54 19.40 -24.29
CA LEU C 78 -21.25 20.12 -25.53
C LEU C 78 -22.05 19.59 -26.71
N GLU C 79 -22.07 18.27 -26.88
CA GLU C 79 -22.79 17.66 -27.98
C GLU C 79 -24.25 18.08 -28.02
N GLU C 80 -24.93 17.96 -26.88
CA GLU C 80 -26.33 18.32 -26.76
C GLU C 80 -26.55 19.82 -27.03
N MET C 81 -25.64 20.65 -26.51
CA MET C 81 -25.77 22.09 -26.70
C MET C 81 -25.68 22.44 -28.19
N GLN C 82 -24.65 21.90 -28.84
CA GLN C 82 -24.46 22.07 -30.27
C GLN C 82 -25.68 21.64 -31.08
N LYS C 83 -26.26 20.49 -30.72
CA LYS C 83 -27.50 19.99 -31.36
C LYS C 83 -28.61 21.06 -31.40
N TYR C 84 -28.80 21.78 -30.29
CA TYR C 84 -29.90 22.74 -30.16
C TYR C 84 -29.54 24.22 -30.33
N SER C 85 -28.35 24.49 -30.85
CA SER C 85 -27.85 25.86 -31.03
C SER C 85 -27.74 26.26 -32.49
N LYS C 86 -28.16 27.49 -32.77
CA LYS C 86 -28.03 28.15 -34.08
C LYS C 86 -26.70 28.88 -34.25
N ILE C 87 -25.92 29.02 -33.17
CA ILE C 87 -24.60 29.62 -33.24
C ILE C 87 -23.55 28.57 -32.89
N PRO C 88 -22.27 28.77 -33.29
CA PRO C 88 -21.21 27.81 -32.97
C PRO C 88 -20.97 27.79 -31.47
N ILE C 89 -20.72 26.59 -30.94
CA ILE C 89 -20.32 26.47 -29.53
C ILE C 89 -18.96 25.83 -29.50
N VAL C 90 -18.01 26.47 -28.83
CA VAL C 90 -16.64 26.00 -28.75
C VAL C 90 -16.36 25.62 -27.29
N GLY C 91 -16.05 24.35 -27.07
CA GLY C 91 -15.61 23.84 -25.77
C GLY C 91 -14.10 23.92 -25.64
N VAL C 92 -13.59 23.58 -24.47
CA VAL C 92 -12.15 23.67 -24.19
C VAL C 92 -11.41 22.32 -24.36
N ILE C 93 -12.11 21.29 -24.80
CA ILE C 93 -11.44 20.00 -24.95
C ILE C 93 -10.72 19.89 -26.29
N GLU C 94 -11.49 19.97 -27.38
CA GLU C 94 -10.94 19.89 -28.73
C GLU C 94 -9.74 20.82 -28.99
N PRO C 95 -9.82 22.11 -28.59
CA PRO C 95 -8.67 23.02 -28.73
C PRO C 95 -7.40 22.50 -28.04
N SER C 96 -7.56 21.85 -26.88
CA SER C 96 -6.44 21.27 -26.16
C SER C 96 -5.81 20.10 -26.91
N ILE C 97 -6.63 19.28 -27.57
CA ILE C 97 -6.12 18.20 -28.44
C ILE C 97 -5.28 18.79 -29.57
N LEU C 98 -5.77 19.86 -30.19
CA LEU C 98 -5.04 20.51 -31.26
C LEU C 98 -3.71 21.11 -30.80
N ALA C 99 -3.69 21.70 -29.60
CA ALA C 99 -2.48 22.23 -28.99
C ALA C 99 -1.44 21.11 -28.74
N ILE C 100 -1.93 19.96 -28.29
CA ILE C 100 -1.09 18.78 -28.08
C ILE C 100 -0.50 18.32 -29.42
N LYS C 101 -1.34 18.26 -30.45
CA LYS C 101 -0.84 17.90 -31.79
C LYS C 101 0.33 18.76 -32.20
N ARG C 102 0.24 20.06 -31.91
CA ARG C 102 1.26 21.04 -32.21
C ARG C 102 2.50 20.89 -31.34
N GLN C 103 2.30 20.72 -30.03
CA GLN C 103 3.40 20.79 -29.08
C GLN C 103 4.05 19.45 -28.77
N VAL C 104 3.32 18.37 -29.03
CA VAL C 104 3.77 17.02 -28.68
C VAL C 104 3.79 16.14 -29.92
N GLU C 105 4.89 16.24 -30.68
CA GLU C 105 4.99 15.47 -31.93
C GLU C 105 5.20 13.98 -31.68
N ASP C 106 5.75 13.65 -30.50
CA ASP C 106 5.99 12.25 -30.17
C ASP C 106 4.71 11.58 -29.67
N LYS C 107 4.16 10.69 -30.51
CA LYS C 107 2.94 9.94 -30.17
C LYS C 107 3.10 8.97 -28.99
N ASN C 108 4.36 8.67 -28.64
CA ASN C 108 4.68 7.76 -27.53
C ASN C 108 4.73 8.50 -26.18
N ALA C 109 4.66 9.83 -26.24
CA ALA C 109 4.91 10.66 -25.03
C ALA C 109 3.86 10.36 -23.94
N PRO C 110 4.31 10.11 -22.69
CA PRO C 110 3.36 9.82 -21.61
C PRO C 110 2.58 11.07 -21.24
N ILE C 111 1.29 11.05 -21.58
CA ILE C 111 0.40 12.17 -21.29
C ILE C 111 -0.55 11.83 -20.14
N LEU C 112 -0.65 12.73 -19.20
CA LEU C 112 -1.58 12.59 -18.10
C LEU C 112 -2.66 13.67 -18.13
N VAL C 113 -3.91 13.23 -18.17
CA VAL C 113 -5.08 14.09 -18.15
C VAL C 113 -5.54 14.27 -16.70
N LEU C 114 -5.59 15.52 -16.22
CA LEU C 114 -6.19 15.81 -14.91
C LEU C 114 -7.55 16.47 -15.11
N GLY C 115 -8.55 16.11 -14.31
CA GLY C 115 -9.82 16.80 -14.40
C GLY C 115 -10.74 16.47 -13.24
N THR C 116 -11.98 16.94 -13.33
CA THR C 116 -12.95 16.53 -12.35
C THR C 116 -13.34 15.06 -12.59
N LYS C 117 -14.00 14.47 -11.59
CA LYS C 117 -14.54 13.12 -11.79
C LYS C 117 -15.41 13.00 -13.06
N ALA C 118 -16.37 13.90 -13.28
CA ALA C 118 -17.19 13.82 -14.50
C ALA C 118 -16.34 13.89 -15.80
N THR C 119 -15.43 14.84 -15.88
CA THR C 119 -14.57 14.96 -17.08
C THR C 119 -13.81 13.66 -17.35
N ILE C 120 -13.13 13.15 -16.34
CA ILE C 120 -12.31 11.95 -16.47
C ILE C 120 -13.16 10.73 -16.84
N GLN C 121 -14.28 10.56 -16.15
CA GLN C 121 -15.17 9.41 -16.42
C GLN C 121 -15.79 9.43 -17.82
N SER C 122 -15.91 10.61 -18.42
CA SER C 122 -16.44 10.75 -19.79
C SER C 122 -15.48 10.19 -20.82
N ASN C 123 -14.21 10.04 -20.45
CA ASN C 123 -13.08 9.76 -21.37
C ASN C 123 -12.98 10.66 -22.60
N ALA C 124 -13.61 11.83 -22.57
CA ALA C 124 -13.53 12.77 -23.68
C ALA C 124 -12.09 12.98 -24.15
N TYR C 125 -11.18 13.28 -23.21
CA TYR C 125 -9.77 13.50 -23.58
C TYR C 125 -9.09 12.29 -24.18
N ASP C 126 -9.26 11.14 -23.53
CA ASP C 126 -8.62 9.89 -23.96
C ASP C 126 -9.08 9.50 -25.34
N ASN C 127 -10.39 9.61 -25.58
CA ASN C 127 -10.97 9.27 -26.88
C ASN C 127 -10.39 10.12 -28.00
N ALA C 128 -10.32 11.43 -27.73
CA ALA C 128 -9.82 12.40 -28.70
C ALA C 128 -8.31 12.27 -28.96
N LEU C 129 -7.52 12.01 -27.90
CA LEU C 129 -6.09 11.76 -28.05
C LEU C 129 -5.80 10.46 -28.81
N LYS C 130 -6.56 9.40 -28.49
CA LYS C 130 -6.40 8.14 -29.21
C LYS C 130 -6.70 8.28 -30.69
N GLN C 131 -7.75 9.03 -31.00
CA GLN C 131 -8.15 9.34 -32.38
C GLN C 131 -7.00 10.02 -33.13
N GLN C 132 -6.22 10.83 -32.43
CA GLN C 132 -5.09 11.55 -33.03
C GLN C 132 -3.77 10.79 -32.97
N GLY C 133 -3.85 9.50 -32.65
CA GLY C 133 -2.66 8.65 -32.69
C GLY C 133 -1.80 8.56 -31.45
N TYR C 134 -2.20 9.20 -30.34
CA TYR C 134 -1.41 9.13 -29.09
C TYR C 134 -1.61 7.77 -28.42
N LEU C 135 -0.49 7.16 -28.04
CA LEU C 135 -0.43 5.77 -27.59
C LEU C 135 -0.28 5.55 -26.07
N ASN C 136 0.05 6.62 -25.34
CA ASN C 136 0.46 6.52 -23.94
C ASN C 136 -0.31 7.58 -23.14
N ILE C 137 -1.59 7.31 -22.88
CA ILE C 137 -2.50 8.26 -22.22
C ILE C 137 -2.95 7.72 -20.87
N SER C 138 -2.75 8.51 -19.82
CA SER C 138 -3.24 8.17 -18.49
C SER C 138 -4.19 9.27 -18.05
N HIS C 139 -5.08 8.96 -17.12
CA HIS C 139 -6.02 9.97 -16.60
C HIS C 139 -6.18 9.88 -15.10
N LEU C 140 -6.48 11.01 -14.47
CA LEU C 140 -6.65 11.07 -13.04
C LEU C 140 -7.64 12.16 -12.68
N ALA C 141 -8.73 11.77 -12.04
CA ALA C 141 -9.68 12.73 -11.44
C ALA C 141 -9.11 13.29 -10.13
N THR C 142 -8.57 14.50 -10.17
CA THR C 142 -8.05 15.17 -8.98
C THR C 142 -9.13 16.09 -8.38
N SER C 143 -10.21 15.49 -7.92
CA SER C 143 -11.43 16.23 -7.58
C SER C 143 -11.23 17.29 -6.52
N LEU C 144 -10.47 16.95 -5.48
CA LEU C 144 -10.33 17.85 -4.33
C LEU C 144 -9.50 19.08 -4.63
N PHE C 145 -8.76 19.09 -5.74
CA PHE C 145 -8.06 20.31 -6.16
C PHE C 145 -9.05 21.46 -6.29
N VAL C 146 -10.23 21.18 -6.83
CA VAL C 146 -11.25 22.20 -7.03
C VAL C 146 -11.65 22.97 -5.76
N PRO C 147 -12.15 22.28 -4.70
CA PRO C 147 -12.51 23.04 -3.49
C PRO C 147 -11.33 23.71 -2.82
N LEU C 148 -10.14 23.09 -2.88
CA LEU C 148 -8.96 23.72 -2.29
C LEU C 148 -8.73 25.08 -2.95
N ILE C 149 -8.80 25.09 -4.27
CA ILE C 149 -8.55 26.30 -5.06
C ILE C 149 -9.64 27.38 -4.81
N GLU C 150 -10.89 26.91 -4.69
CA GLU C 150 -12.00 27.81 -4.35
C GLU C 150 -11.76 28.48 -2.99
N GLU C 151 -11.10 27.77 -2.09
CA GLU C 151 -10.75 28.30 -0.79
C GLU C 151 -9.40 29.05 -0.76
N SER C 152 -8.85 29.33 -1.95
CA SER C 152 -7.49 29.91 -2.12
C SER C 152 -6.39 29.15 -1.38
N ILE C 153 -6.49 27.82 -1.28
CA ILE C 153 -5.39 27.01 -0.76
C ILE C 153 -4.45 26.79 -1.97
N LEU C 154 -3.54 27.73 -2.22
CA LEU C 154 -2.72 27.65 -3.43
C LEU C 154 -1.24 27.35 -3.18
N GLU C 155 -0.92 27.03 -1.92
CA GLU C 155 0.42 26.75 -1.45
C GLU C 155 0.28 26.05 -0.09
N GLY C 156 1.39 25.61 0.48
CA GLY C 156 1.41 25.14 1.86
C GLY C 156 1.16 23.66 2.01
N GLU C 157 1.15 23.20 3.26
CA GLU C 157 1.08 21.78 3.55
C GLU C 157 -0.24 21.10 3.11
N LEU C 158 -1.38 21.77 3.24
CA LEU C 158 -2.64 21.12 2.85
C LEU C 158 -2.64 20.84 1.35
N LEU C 159 -2.22 21.83 0.55
CA LEU C 159 -2.06 21.62 -0.91
C LEU C 159 -1.03 20.51 -1.23
N GLU C 160 0.15 20.56 -0.62
CA GLU C 160 1.15 19.51 -0.89
C GLU C 160 0.59 18.13 -0.55
N THR C 161 -0.10 18.02 0.58
CA THR C 161 -0.65 16.72 1.01
C THR C 161 -1.73 16.25 0.06
N CYS C 162 -2.52 17.20 -0.46
CA CYS C 162 -3.52 16.87 -1.47
C CYS C 162 -2.90 16.37 -2.81
N MET C 163 -1.91 17.07 -3.29
CA MET C 163 -1.17 16.65 -4.47
C MET C 163 -0.55 15.27 -4.27
N HIS C 164 0.07 15.07 -3.11
CA HIS C 164 0.72 13.81 -2.75
C HIS C 164 -0.32 12.67 -2.75
N TYR C 165 -1.48 12.93 -2.14
CA TYR C 165 -2.64 12.01 -2.19
C TYR C 165 -2.98 11.48 -3.60
N TYR C 166 -3.13 12.39 -4.55
CA TYR C 166 -3.50 12.02 -5.93
C TYR C 166 -2.33 11.48 -6.78
N PHE C 167 -1.15 12.05 -6.62
CA PHE C 167 -0.03 11.76 -7.53
C PHE C 167 0.81 10.55 -7.10
N THR C 168 0.89 10.28 -5.81
CA THR C 168 1.78 9.19 -5.31
C THR C 168 1.52 7.82 -6.01
N PRO C 169 0.24 7.44 -6.21
CA PRO C 169 -0.07 6.19 -6.90
C PRO C 169 0.29 6.07 -8.39
N LEU C 170 0.69 7.17 -9.04
CA LEU C 170 0.91 7.15 -10.49
C LEU C 170 2.01 6.14 -10.87
N GLU C 171 1.75 5.31 -11.88
CA GLU C 171 2.74 4.29 -12.30
C GLU C 171 3.65 4.82 -13.40
N ILE C 172 3.25 5.92 -14.04
CA ILE C 172 4.04 6.53 -15.09
C ILE C 172 4.43 7.95 -14.68
N LEU C 173 5.67 8.35 -14.97
CA LEU C 173 6.09 9.74 -14.78
C LEU C 173 5.67 10.55 -16.03
N PRO C 174 4.67 11.47 -15.90
CA PRO C 174 4.17 12.16 -17.08
C PRO C 174 5.20 13.12 -17.66
N GLU C 175 5.23 13.21 -18.99
CA GLU C 175 5.99 14.27 -19.67
C GLU C 175 5.12 15.45 -20.06
N VAL C 176 3.82 15.18 -20.17
CA VAL C 176 2.80 16.19 -20.52
C VAL C 176 1.65 16.03 -19.55
N ILE C 177 1.17 17.15 -19.02
CA ILE C 177 0.04 17.12 -18.09
C ILE C 177 -0.99 18.08 -18.61
N ILE C 178 -2.18 17.56 -18.90
CA ILE C 178 -3.28 18.40 -19.34
C ILE C 178 -4.05 18.91 -18.12
N LEU C 179 -4.11 20.24 -18.01
CA LEU C 179 -4.91 20.90 -16.97
C LEU C 179 -6.36 20.94 -17.44
N GLY C 180 -7.03 19.79 -17.39
CA GLY C 180 -8.36 19.64 -17.97
C GLY C 180 -9.48 20.08 -17.02
N CYS C 181 -9.26 21.19 -16.32
CA CYS C 181 -10.24 21.79 -15.42
C CYS C 181 -9.92 23.28 -15.31
N THR C 182 -10.95 24.11 -15.27
CA THR C 182 -10.79 25.57 -15.17
C THR C 182 -9.92 26.04 -13.98
N HIS C 183 -9.94 25.29 -12.88
CA HIS C 183 -9.26 25.75 -11.64
C HIS C 183 -7.75 25.49 -11.65
N PHE C 184 -7.34 24.46 -12.38
CA PHE C 184 -6.01 23.91 -12.17
C PHE C 184 -4.85 24.86 -12.59
N PRO C 185 -5.08 25.78 -13.57
CA PRO C 185 -4.05 26.81 -13.82
C PRO C 185 -3.53 27.56 -12.57
N LEU C 186 -4.39 27.74 -11.58
CA LEU C 186 -4.01 28.47 -10.37
C LEU C 186 -2.99 27.73 -9.48
N ILE C 187 -2.82 26.44 -9.73
CA ILE C 187 -1.77 25.66 -9.03
C ILE C 187 -0.76 25.00 -10.03
N ALA C 188 -0.69 25.54 -11.25
CA ALA C 188 0.19 24.99 -12.29
C ALA C 188 1.65 24.91 -11.83
N GLN C 189 2.16 26.00 -11.29
CA GLN C 189 3.57 25.99 -10.80
C GLN C 189 3.78 25.02 -9.64
N LYS C 190 2.78 24.90 -8.76
CA LYS C 190 2.86 23.89 -7.67
C LYS C 190 2.89 22.45 -8.19
N ILE C 191 2.07 22.15 -9.21
CA ILE C 191 2.09 20.84 -9.89
C ILE C 191 3.47 20.60 -10.57
N GLU C 192 3.98 21.61 -11.27
CA GLU C 192 5.35 21.56 -11.82
C GLU C 192 6.39 21.28 -10.73
N GLY C 193 6.36 22.07 -9.65
CA GLY C 193 7.23 21.88 -8.48
C GLY C 193 7.14 20.52 -7.79
N TYR C 194 5.92 19.95 -7.73
CA TYR C 194 5.71 18.61 -7.17
C TYR C 194 6.50 17.59 -7.97
N PHE C 195 6.35 17.59 -9.30
CA PHE C 195 7.06 16.58 -10.12
C PHE C 195 8.57 16.84 -10.10
N MET C 196 8.95 18.12 -10.12
CA MET C 196 10.37 18.45 -10.10
C MET C 196 11.02 18.01 -8.79
N GLY C 197 10.32 18.22 -7.68
CA GLY C 197 10.84 17.91 -6.34
C GLY C 197 10.84 16.41 -6.05
N HIS C 198 9.72 15.75 -6.30
CA HIS C 198 9.60 14.31 -5.98
C HIS C 198 10.46 13.42 -6.88
N PHE C 199 10.67 13.86 -8.11
CA PHE C 199 11.42 13.04 -9.07
C PHE C 199 12.74 13.66 -9.47
N ALA C 200 13.15 14.71 -8.77
CA ALA C 200 14.44 15.38 -9.01
C ALA C 200 14.63 15.66 -10.50
N LEU C 201 13.69 16.42 -11.06
CA LEU C 201 13.74 16.84 -12.45
C LEU C 201 14.26 18.27 -12.55
N PRO C 202 15.21 18.53 -13.47
CA PRO C 202 15.75 19.87 -13.66
C PRO C 202 14.72 20.82 -14.26
N THR C 203 13.76 20.28 -15.03
CA THR C 203 12.66 21.09 -15.58
C THR C 203 11.35 20.29 -15.52
N PRO C 204 10.20 20.99 -15.49
CA PRO C 204 8.95 20.25 -15.25
C PRO C 204 8.35 19.58 -16.49
N PRO C 205 7.35 18.69 -16.27
CA PRO C 205 6.52 18.23 -17.39
C PRO C 205 5.86 19.44 -18.04
N LEU C 206 5.55 19.33 -19.33
CA LEU C 206 4.83 20.36 -20.06
C LEU C 206 3.36 20.38 -19.64
N LEU C 207 2.89 21.51 -19.13
CA LEU C 207 1.47 21.62 -18.77
C LEU C 207 0.68 22.28 -19.89
N ILE C 208 -0.47 21.69 -20.25
CA ILE C 208 -1.36 22.26 -21.26
C ILE C 208 -2.51 23.05 -20.58
N HIS C 209 -2.61 24.34 -20.89
CA HIS C 209 -3.59 25.27 -20.28
C HIS C 209 -4.75 25.39 -21.28
N SER C 210 -5.97 25.16 -20.79
CA SER C 210 -7.15 25.12 -21.66
C SER C 210 -7.43 26.49 -22.30
N GLY C 211 -7.18 27.55 -21.54
CA GLY C 211 -7.37 28.95 -21.99
C GLY C 211 -6.48 29.29 -23.17
N ASP C 212 -5.19 29.00 -23.03
CA ASP C 212 -4.26 29.26 -24.10
C ASP C 212 -4.58 28.45 -25.35
N ALA C 213 -5.01 27.19 -25.17
CA ALA C 213 -5.35 26.33 -26.32
C ALA C 213 -6.58 26.85 -27.06
N ILE C 214 -7.59 27.29 -26.30
CA ILE C 214 -8.80 27.80 -26.97
C ILE C 214 -8.50 29.13 -27.70
N VAL C 215 -7.61 29.95 -27.13
CA VAL C 215 -7.17 31.17 -27.84
C VAL C 215 -6.55 30.79 -29.19
N GLU C 216 -5.69 29.78 -29.21
CA GLU C 216 -5.01 29.42 -30.44
C GLU C 216 -6.00 28.88 -31.47
N TYR C 217 -6.97 28.09 -31.01
CA TYR C 217 -7.96 27.52 -31.87
C TYR C 217 -8.82 28.62 -32.49
N LEU C 218 -9.30 29.54 -31.66
CA LEU C 218 -10.15 30.63 -32.14
C LEU C 218 -9.43 31.51 -33.16
N GLN C 219 -8.15 31.78 -32.90
CA GLN C 219 -7.33 32.57 -33.79
C GLN C 219 -7.22 31.94 -35.19
N GLN C 220 -7.02 30.64 -35.27
CA GLN C 220 -6.97 29.99 -36.57
C GLN C 220 -8.36 29.82 -37.18
N LYS C 221 -9.29 29.22 -36.43
CA LYS C 221 -10.62 28.89 -36.96
C LYS C 221 -11.44 30.09 -37.46
N TYR C 222 -11.42 31.19 -36.72
CA TYR C 222 -12.21 32.35 -37.09
C TYR C 222 -11.34 33.54 -37.52
N ALA C 223 -10.10 33.23 -37.91
CA ALA C 223 -9.15 34.22 -38.45
C ALA C 223 -9.05 35.51 -37.62
N LEU C 224 -9.13 35.36 -36.30
CA LEU C 224 -9.16 36.49 -35.37
C LEU C 224 -7.75 37.04 -35.13
N LYS C 225 -7.64 38.36 -35.12
CA LYS C 225 -6.36 39.05 -34.96
C LYS C 225 -6.11 39.31 -33.47
N ASN C 226 -4.85 39.13 -33.08
CA ASN C 226 -4.44 39.16 -31.67
C ASN C 226 -4.47 40.52 -30.98
N ASN C 227 -4.90 41.56 -31.67
CA ASN C 227 -5.06 42.88 -31.05
C ASN C 227 -6.26 43.62 -31.63
N ALA C 228 -7.32 42.88 -31.89
CA ALA C 228 -8.51 43.41 -32.53
C ALA C 228 -9.34 44.33 -31.62
N CYS C 229 -9.22 44.16 -30.30
CA CYS C 229 -9.92 45.03 -29.38
C CYS C 229 -8.99 45.74 -28.42
N THR C 230 -9.09 47.06 -28.41
CA THR C 230 -8.24 47.88 -27.54
C THR C 230 -8.59 47.69 -26.06
N PHE C 231 -9.89 47.66 -25.75
CA PHE C 231 -10.38 47.50 -24.38
C PHE C 231 -11.79 46.90 -24.45
N PRO C 232 -11.94 45.65 -23.99
CA PRO C 232 -13.21 44.94 -24.15
C PRO C 232 -14.30 45.39 -23.17
N LYS C 233 -15.55 45.28 -23.59
CA LYS C 233 -16.65 45.41 -22.66
C LYS C 233 -16.93 43.98 -22.14
N VAL C 234 -17.01 43.79 -20.83
CA VAL C 234 -17.37 42.46 -20.32
C VAL C 234 -18.58 42.64 -19.39
N GLU C 235 -19.63 41.84 -19.58
CA GLU C 235 -20.72 41.77 -18.58
C GLU C 235 -20.52 40.52 -17.74
N PHE C 236 -20.65 40.65 -16.42
CA PHE C 236 -20.63 39.48 -15.55
C PHE C 236 -22.06 39.14 -15.11
N HIS C 237 -22.44 37.88 -15.26
CA HIS C 237 -23.76 37.40 -14.83
C HIS C 237 -23.55 36.11 -14.09
N ALA C 238 -24.39 35.85 -13.10
CA ALA C 238 -24.30 34.63 -12.30
C ALA C 238 -25.68 34.20 -11.86
N SER C 239 -25.85 32.91 -11.58
CA SER C 239 -27.09 32.42 -11.01
C SER C 239 -27.08 32.60 -9.50
N GLY C 240 -25.88 32.65 -8.91
CA GLY C 240 -25.69 33.03 -7.52
C GLY C 240 -25.51 34.54 -7.43
N ASP C 241 -25.03 35.02 -6.29
CA ASP C 241 -24.76 36.46 -6.11
C ASP C 241 -23.69 36.93 -7.11
N VAL C 242 -24.07 37.87 -7.99
CA VAL C 242 -23.19 38.33 -9.05
C VAL C 242 -22.08 39.26 -8.50
N ILE C 243 -22.33 39.91 -7.36
CA ILE C 243 -21.26 40.66 -6.67
C ILE C 243 -20.18 39.70 -6.14
N TRP C 244 -20.58 38.60 -5.50
CA TRP C 244 -19.65 37.54 -5.06
C TRP C 244 -18.82 37.06 -6.28
N LEU C 245 -19.47 36.86 -7.41
CA LEU C 245 -18.78 36.39 -8.63
C LEU C 245 -17.79 37.42 -9.15
N GLU C 246 -18.26 38.63 -9.46
CA GLU C 246 -17.38 39.69 -10.00
C GLU C 246 -16.22 40.06 -9.05
N ARG C 247 -16.46 40.06 -7.75
CA ARG C 247 -15.37 40.28 -6.76
C ARG C 247 -14.20 39.32 -6.97
N GLN C 248 -14.51 38.09 -7.39
CA GLN C 248 -13.50 37.06 -7.61
C GLN C 248 -12.71 37.28 -8.90
N ALA C 249 -13.30 37.98 -9.85
CA ALA C 249 -12.63 38.28 -11.14
C ALA C 249 -11.31 39.02 -10.93
N LYS C 250 -11.31 39.93 -9.95
CA LYS C 250 -10.12 40.71 -9.61
C LYS C 250 -8.92 39.78 -9.40
N GLU C 251 -9.11 38.73 -8.60
CA GLU C 251 -8.05 37.79 -8.27
C GLU C 251 -7.67 36.85 -9.39
N TRP C 252 -8.67 36.28 -10.05
CA TRP C 252 -8.40 35.34 -11.13
C TRP C 252 -7.78 36.01 -12.36
N LEU C 253 -8.14 37.27 -12.60
CA LEU C 253 -7.63 37.97 -13.79
C LEU C 253 -6.32 38.74 -13.59
N LYS C 254 -5.79 38.75 -12.36
CA LYS C 254 -4.48 39.37 -12.03
C LYS C 254 -3.33 38.94 -12.94
N MET D 1 -47.72 8.53 10.80
CA MET D 1 -47.36 9.93 10.42
C MET D 1 -46.39 9.88 9.26
N LYS D 2 -46.68 10.67 8.22
CA LYS D 2 -45.88 10.74 7.02
C LYS D 2 -45.12 12.06 7.06
N ILE D 3 -43.79 11.99 6.96
CA ILE D 3 -43.00 13.22 7.04
C ILE D 3 -42.07 13.39 5.83
N GLY D 4 -41.50 14.59 5.66
CA GLY D 4 -40.44 14.84 4.67
C GLY D 4 -39.13 15.14 5.37
N VAL D 5 -38.02 14.85 4.69
CA VAL D 5 -36.69 15.21 5.15
C VAL D 5 -36.00 15.88 3.97
N PHE D 6 -35.51 17.09 4.19
CA PHE D 6 -34.89 17.86 3.12
C PHE D 6 -33.42 18.10 3.41
N ASP D 7 -32.58 17.85 2.41
CA ASP D 7 -31.17 18.22 2.53
C ASP D 7 -30.65 18.68 1.17
N SER D 8 -29.48 19.31 1.19
CA SER D 8 -28.82 19.67 -0.07
C SER D 8 -28.37 18.45 -0.86
N GLY D 9 -28.20 17.30 -0.21
CA GLY D 9 -27.73 16.15 -0.97
C GLY D 9 -27.81 14.87 -0.17
N VAL D 10 -26.65 14.24 0.03
CA VAL D 10 -26.58 12.96 0.78
C VAL D 10 -26.27 13.14 2.27
N GLY D 11 -25.78 14.32 2.66
CA GLY D 11 -25.44 14.57 4.08
C GLY D 11 -26.62 14.34 5.02
N GLY D 12 -27.83 14.62 4.53
CA GLY D 12 -29.05 14.47 5.34
C GLY D 12 -29.27 13.02 5.79
N PHE D 13 -28.55 12.07 5.19
CA PHE D 13 -28.60 10.67 5.66
C PHE D 13 -28.12 10.47 7.10
N SER D 14 -27.23 11.35 7.60
CA SER D 14 -26.81 11.29 8.99
C SER D 14 -27.97 11.61 9.93
N VAL D 15 -28.87 12.50 9.50
CA VAL D 15 -30.09 12.74 10.25
C VAL D 15 -31.10 11.61 10.03
N LEU D 16 -31.24 11.17 8.79
CA LEU D 16 -32.17 10.08 8.47
C LEU D 16 -31.81 8.85 9.31
N LYS D 17 -30.51 8.56 9.43
CA LYS D 17 -30.08 7.39 10.24
C LYS D 17 -30.65 7.51 11.66
N SER D 18 -30.49 8.69 12.27
CA SER D 18 -31.00 8.92 13.64
C SER D 18 -32.52 8.73 13.74
N LEU D 19 -33.24 9.32 12.79
CA LEU D 19 -34.70 9.19 12.71
C LEU D 19 -35.15 7.74 12.63
N LEU D 20 -34.52 6.96 11.75
CA LEU D 20 -34.92 5.57 11.54
C LEU D 20 -34.68 4.74 12.79
N LYS D 21 -33.58 5.03 13.48
CA LYS D 21 -33.23 4.31 14.70
C LYS D 21 -34.26 4.59 15.80
N ALA D 22 -34.75 5.82 15.85
CA ALA D 22 -35.68 6.25 16.89
C ALA D 22 -37.12 5.77 16.65
N ARG D 23 -37.37 5.14 15.50
CA ARG D 23 -38.72 4.61 15.17
C ARG D 23 -39.83 5.64 15.45
N LEU D 24 -39.64 6.87 14.95
CA LEU D 24 -40.59 7.97 15.17
C LEU D 24 -41.70 8.00 14.12
N PHE D 25 -41.37 7.63 12.89
CA PHE D 25 -42.31 7.84 11.79
C PHE D 25 -42.62 6.58 10.96
N ASP D 26 -43.81 6.55 10.37
CA ASP D 26 -44.22 5.42 9.53
C ASP D 26 -43.84 5.55 8.06
N GLU D 27 -43.65 6.78 7.61
CA GLU D 27 -43.33 7.03 6.21
C GLU D 27 -42.51 8.29 6.09
N ILE D 28 -41.43 8.20 5.31
CA ILE D 28 -40.45 9.30 5.26
C ILE D 28 -40.15 9.53 3.79
N ILE D 29 -40.32 10.77 3.36
CA ILE D 29 -40.01 11.13 1.99
C ILE D 29 -38.73 11.94 2.05
N TYR D 30 -37.65 11.35 1.56
CA TYR D 30 -36.35 12.04 1.56
C TYR D 30 -36.10 12.74 0.22
N TYR D 31 -35.72 14.01 0.31
CA TYR D 31 -35.34 14.78 -0.88
C TYR D 31 -33.99 15.48 -0.70
N GLY D 32 -33.01 15.10 -1.54
CA GLY D 32 -31.69 15.79 -1.57
C GLY D 32 -31.54 16.59 -2.86
N ASP D 33 -31.16 17.88 -2.74
CA ASP D 33 -31.06 18.76 -3.90
C ASP D 33 -29.66 18.55 -4.51
N SER D 34 -29.36 17.30 -4.84
CA SER D 34 -28.02 16.90 -5.29
C SER D 34 -27.54 17.56 -6.57
N ALA D 35 -28.45 18.11 -7.39
CA ALA D 35 -28.05 18.90 -8.57
C ALA D 35 -27.36 20.22 -8.17
N ARG D 36 -27.60 20.69 -6.94
CA ARG D 36 -27.23 22.04 -6.54
C ARG D 36 -26.33 22.13 -5.33
N VAL D 37 -26.08 20.99 -4.70
CA VAL D 37 -25.17 20.92 -3.57
C VAL D 37 -23.77 21.35 -4.02
N PRO D 38 -22.98 22.02 -3.13
CA PRO D 38 -23.25 22.43 -1.75
C PRO D 38 -24.08 23.70 -1.64
N TYR D 39 -24.78 23.85 -0.51
CA TYR D 39 -25.39 25.11 -0.15
C TYR D 39 -24.40 25.99 0.68
N GLY D 40 -23.52 25.36 1.45
CA GLY D 40 -22.70 26.10 2.44
C GLY D 40 -21.72 27.13 1.92
N THR D 41 -21.38 27.02 0.63
CA THR D 41 -20.44 27.90 -0.04
C THR D 41 -21.15 29.07 -0.71
N LYS D 42 -22.47 29.09 -0.60
CA LYS D 42 -23.23 30.09 -1.37
C LYS D 42 -23.85 31.18 -0.49
N ASP D 43 -24.49 32.15 -1.14
CA ASP D 43 -24.98 33.36 -0.46
C ASP D 43 -26.38 33.20 0.15
N PRO D 44 -26.71 34.02 1.18
CA PRO D 44 -27.98 33.88 1.87
C PRO D 44 -29.20 33.91 0.93
N THR D 45 -29.20 34.81 -0.06
CA THR D 45 -30.33 34.91 -0.95
C THR D 45 -30.55 33.63 -1.76
N THR D 46 -29.47 33.07 -2.32
CA THR D 46 -29.56 31.81 -3.09
C THR D 46 -30.09 30.69 -2.21
N ILE D 47 -29.52 30.56 -1.01
CA ILE D 47 -29.91 29.49 -0.07
C ILE D 47 -31.38 29.58 0.33
N LYS D 48 -31.84 30.79 0.65
CA LYS D 48 -33.26 31.01 0.96
C LYS D 48 -34.15 30.57 -0.22
N GLN D 49 -33.77 30.95 -1.45
CA GLN D 49 -34.51 30.56 -2.62
C GLN D 49 -34.56 29.02 -2.81
N PHE D 50 -33.43 28.37 -2.56
CA PHE D 50 -33.36 26.91 -2.56
C PHE D 50 -34.38 26.31 -1.57
N GLY D 51 -34.46 26.92 -0.38
CA GLY D 51 -35.38 26.46 0.68
C GLY D 51 -36.83 26.58 0.23
N LEU D 52 -37.17 27.73 -0.35
CA LEU D 52 -38.50 27.91 -0.88
C LEU D 52 -38.87 26.94 -2.01
N GLU D 53 -37.90 26.62 -2.87
CA GLU D 53 -38.17 25.70 -3.96
C GLU D 53 -38.39 24.27 -3.45
N ALA D 54 -37.70 23.90 -2.39
CA ALA D 54 -37.90 22.58 -1.79
C ALA D 54 -39.36 22.37 -1.35
N LEU D 55 -40.03 23.44 -0.91
CA LEU D 55 -41.45 23.32 -0.55
C LEU D 55 -42.29 22.87 -1.72
N ASP D 56 -42.00 23.41 -2.91
CA ASP D 56 -42.73 22.97 -4.10
C ASP D 56 -42.56 21.48 -4.33
N PHE D 57 -41.36 20.97 -4.07
CA PHE D 57 -41.12 19.53 -4.25
C PHE D 57 -42.09 18.72 -3.38
N PHE D 58 -42.21 19.09 -2.11
CA PHE D 58 -42.99 18.28 -1.15
C PHE D 58 -44.51 18.39 -1.26
N LYS D 59 -44.97 19.41 -1.97
CA LYS D 59 -46.42 19.70 -2.00
C LYS D 59 -47.28 18.47 -2.36
N PRO D 60 -47.01 17.77 -3.48
CA PRO D 60 -47.86 16.61 -3.82
C PRO D 60 -47.69 15.41 -2.88
N HIS D 61 -46.65 15.44 -2.06
CA HIS D 61 -46.37 14.33 -1.16
C HIS D 61 -47.23 14.35 0.10
N GLU D 62 -47.93 15.46 0.33
CA GLU D 62 -48.86 15.56 1.48
C GLU D 62 -48.24 15.11 2.82
N ILE D 63 -47.05 15.63 3.10
CA ILE D 63 -46.36 15.35 4.35
C ILE D 63 -46.99 16.18 5.48
N GLU D 64 -46.84 15.72 6.70
CA GLU D 64 -47.46 16.36 7.87
C GLU D 64 -46.47 17.25 8.60
N LEU D 65 -45.20 17.00 8.33
CA LEU D 65 -44.11 17.69 8.97
C LEU D 65 -42.91 17.60 8.02
N LEU D 66 -42.16 18.69 7.93
CA LEU D 66 -40.91 18.72 7.17
C LEU D 66 -39.70 18.91 8.08
N ILE D 67 -38.75 17.99 7.99
CA ILE D 67 -37.52 18.15 8.74
C ILE D 67 -36.47 18.67 7.78
N VAL D 68 -35.87 19.79 8.14
CA VAL D 68 -34.75 20.31 7.35
C VAL D 68 -33.48 19.76 8.01
N ALA D 69 -32.99 18.65 7.44
CA ALA D 69 -31.77 17.95 7.91
C ALA D 69 -30.51 18.80 7.71
N CYS D 70 -30.53 19.66 6.70
CA CYS D 70 -29.37 20.51 6.34
C CYS D 70 -29.16 21.61 7.39
N ASN D 71 -27.94 21.71 7.93
CA ASN D 71 -27.65 22.80 8.86
C ASN D 71 -27.59 24.17 8.18
N THR D 72 -27.07 24.20 6.94
CA THR D 72 -27.03 25.44 6.16
C THR D 72 -28.42 25.96 5.85
N ALA D 73 -29.27 25.09 5.29
CA ALA D 73 -30.67 25.49 5.04
C ALA D 73 -31.38 25.87 6.35
N SER D 74 -31.15 25.12 7.42
CA SER D 74 -31.69 25.45 8.75
C SER D 74 -31.25 26.84 9.22
N ALA D 75 -29.96 27.12 9.07
CA ALA D 75 -29.40 28.41 9.52
C ALA D 75 -29.91 29.58 8.71
N LEU D 76 -30.14 29.37 7.41
CA LEU D 76 -30.44 30.49 6.48
C LEU D 76 -31.89 30.63 6.05
N ALA D 77 -32.58 29.51 5.95
CA ALA D 77 -33.81 29.50 5.17
C ALA D 77 -35.03 29.10 5.97
N LEU D 78 -34.85 28.64 7.21
CA LEU D 78 -35.97 28.00 7.93
C LEU D 78 -37.17 28.96 8.10
N GLU D 79 -36.89 30.15 8.59
CA GLU D 79 -37.91 31.19 8.77
C GLU D 79 -38.68 31.49 7.46
N GLU D 80 -37.94 31.65 6.37
CA GLU D 80 -38.54 31.92 5.06
C GLU D 80 -39.42 30.73 4.59
N MET D 81 -38.92 29.51 4.75
CA MET D 81 -39.71 28.31 4.41
C MET D 81 -41.00 28.27 5.23
N GLN D 82 -40.88 28.54 6.52
CA GLN D 82 -42.07 28.55 7.39
C GLN D 82 -43.15 29.50 6.89
N LYS D 83 -42.72 30.67 6.41
CA LYS D 83 -43.63 31.68 5.84
C LYS D 83 -44.52 31.14 4.71
N TYR D 84 -43.96 30.26 3.88
CA TYR D 84 -44.67 29.73 2.72
C TYR D 84 -45.23 28.32 2.89
N SER D 85 -45.17 27.80 4.13
CA SER D 85 -45.55 26.43 4.46
C SER D 85 -46.86 26.43 5.24
N LYS D 86 -47.67 25.38 5.02
CA LYS D 86 -48.90 25.17 5.78
C LYS D 86 -48.71 24.03 6.77
N ILE D 87 -47.50 23.52 6.87
CA ILE D 87 -47.14 22.50 7.88
C ILE D 87 -45.92 22.93 8.71
N PRO D 88 -45.77 22.36 9.93
CA PRO D 88 -44.58 22.68 10.70
C PRO D 88 -43.30 22.22 10.00
N ILE D 89 -42.30 23.08 10.11
CA ILE D 89 -40.97 22.77 9.62
C ILE D 89 -40.02 22.85 10.81
N VAL D 90 -39.19 21.83 10.96
CA VAL D 90 -38.27 21.75 12.08
C VAL D 90 -36.86 21.59 11.50
N GLY D 91 -35.97 22.49 11.89
CA GLY D 91 -34.58 22.46 11.46
C GLY D 91 -33.72 21.79 12.52
N VAL D 92 -32.41 21.76 12.26
CA VAL D 92 -31.48 21.04 13.14
C VAL D 92 -30.68 21.96 14.08
N ILE D 93 -30.94 23.27 14.04
CA ILE D 93 -30.20 24.22 14.89
C ILE D 93 -30.80 24.33 16.29
N GLU D 94 -32.07 24.72 16.38
CA GLU D 94 -32.70 24.86 17.69
C GLU D 94 -32.67 23.59 18.55
N PRO D 95 -33.02 22.41 17.98
CA PRO D 95 -32.88 21.22 18.82
C PRO D 95 -31.48 21.03 19.46
N SER D 96 -30.42 21.41 18.75
CA SER D 96 -29.06 21.31 19.29
C SER D 96 -28.83 22.28 20.44
N ILE D 97 -29.41 23.47 20.33
CA ILE D 97 -29.39 24.48 21.39
C ILE D 97 -30.04 23.89 22.65
N LEU D 98 -31.17 23.20 22.44
CA LEU D 98 -31.89 22.61 23.55
C LEU D 98 -31.08 21.48 24.20
N ALA D 99 -30.46 20.64 23.36
CA ALA D 99 -29.53 19.60 23.80
C ALA D 99 -28.38 20.13 24.67
N ILE D 100 -27.81 21.25 24.27
CA ILE D 100 -26.76 21.93 25.02
C ILE D 100 -27.26 22.42 26.39
N LYS D 101 -28.40 23.10 26.42
CA LYS D 101 -29.04 23.52 27.67
C LYS D 101 -29.16 22.35 28.64
N ARG D 102 -29.60 21.21 28.13
CA ARG D 102 -29.67 20.01 28.96
C ARG D 102 -28.31 19.48 29.38
N GLN D 103 -27.32 19.54 28.48
CA GLN D 103 -26.05 18.82 28.68
C GLN D 103 -24.91 19.66 29.25
N VAL D 104 -25.03 20.98 29.14
CA VAL D 104 -23.96 21.89 29.52
C VAL D 104 -24.50 22.92 30.52
N GLU D 105 -24.21 22.65 31.80
CA GLU D 105 -24.73 23.46 32.90
C GLU D 105 -23.96 24.76 33.05
N ASP D 106 -22.66 24.65 32.81
CA ASP D 106 -21.74 25.75 33.00
C ASP D 106 -21.79 26.68 31.80
N LYS D 107 -22.34 27.87 32.04
CA LYS D 107 -22.50 28.91 31.03
C LYS D 107 -21.16 29.44 30.48
N ASN D 108 -20.06 29.17 31.18
CA ASN D 108 -18.73 29.60 30.73
C ASN D 108 -17.90 28.50 30.10
N ALA D 109 -18.51 27.33 29.89
CA ALA D 109 -17.84 26.25 29.20
C ALA D 109 -17.51 26.68 27.75
N PRO D 110 -16.22 26.58 27.34
CA PRO D 110 -15.90 26.91 25.96
C PRO D 110 -16.59 25.98 24.97
N ILE D 111 -17.56 26.53 24.23
CA ILE D 111 -18.25 25.82 23.14
C ILE D 111 -17.64 26.25 21.80
N LEU D 112 -17.38 25.26 20.96
CA LEU D 112 -16.94 25.50 19.57
C LEU D 112 -18.02 25.08 18.56
N VAL D 113 -18.46 26.01 17.72
CA VAL D 113 -19.36 25.67 16.63
C VAL D 113 -18.57 25.42 15.32
N LEU D 114 -18.79 24.24 14.74
CA LEU D 114 -18.28 23.88 13.40
C LEU D 114 -19.43 23.81 12.42
N GLY D 115 -19.24 24.43 11.26
CA GLY D 115 -20.25 24.40 10.21
C GLY D 115 -19.66 24.83 8.88
N THR D 116 -20.52 24.87 7.86
CA THR D 116 -20.13 25.45 6.59
C THR D 116 -19.88 26.96 6.71
N LYS D 117 -19.26 27.53 5.69
CA LYS D 117 -19.09 28.96 5.68
C LYS D 117 -20.43 29.70 5.89
N ALA D 118 -21.49 29.29 5.20
CA ALA D 118 -22.76 30.04 5.32
C ALA D 118 -23.37 29.94 6.71
N THR D 119 -23.32 28.73 7.28
CA THR D 119 -23.86 28.47 8.61
C THR D 119 -23.14 29.35 9.63
N ILE D 120 -21.82 29.43 9.52
CA ILE D 120 -21.04 30.15 10.52
C ILE D 120 -21.25 31.66 10.35
N GLN D 121 -21.25 32.12 9.09
CA GLN D 121 -21.47 33.56 8.80
C GLN D 121 -22.83 34.04 9.31
N SER D 122 -23.82 33.15 9.32
CA SER D 122 -25.17 33.53 9.75
C SER D 122 -25.24 33.82 11.25
N ASN D 123 -24.28 33.30 12.01
CA ASN D 123 -24.30 33.33 13.48
C ASN D 123 -25.55 32.71 14.11
N ALA D 124 -26.23 31.80 13.38
CA ALA D 124 -27.44 31.17 13.92
C ALA D 124 -27.19 30.49 15.27
N TYR D 125 -26.11 29.73 15.36
CA TYR D 125 -25.74 29.05 16.60
C TYR D 125 -25.35 30.04 17.69
N ASP D 126 -24.43 30.96 17.38
CA ASP D 126 -23.93 31.95 18.33
C ASP D 126 -25.05 32.77 18.92
N ASN D 127 -25.93 33.30 18.07
CA ASN D 127 -27.08 34.08 18.55
C ASN D 127 -27.97 33.28 19.51
N ALA D 128 -28.31 32.04 19.13
CA ALA D 128 -29.16 31.17 19.94
C ALA D 128 -28.51 30.81 21.29
N LEU D 129 -27.22 30.51 21.26
CA LEU D 129 -26.48 30.15 22.48
C LEU D 129 -26.37 31.34 23.44
N LYS D 130 -26.11 32.52 22.89
CA LYS D 130 -26.05 33.74 23.72
C LYS D 130 -27.40 34.02 24.37
N GLN D 131 -28.48 33.86 23.61
CA GLN D 131 -29.85 34.05 24.13
C GLN D 131 -30.18 33.11 25.29
N GLN D 132 -29.49 31.97 25.34
CA GLN D 132 -29.62 31.03 26.45
C GLN D 132 -28.57 31.20 27.57
N GLY D 133 -27.82 32.30 27.53
CA GLY D 133 -26.88 32.63 28.60
C GLY D 133 -25.43 32.21 28.45
N TYR D 134 -25.08 31.59 27.32
CA TYR D 134 -23.69 31.12 27.11
C TYR D 134 -22.74 32.24 26.74
N LEU D 135 -21.59 32.28 27.42
CA LEU D 135 -20.71 33.43 27.38
C LEU D 135 -19.36 33.15 26.73
N ASN D 136 -19.10 31.88 26.44
CA ASN D 136 -17.80 31.44 25.93
C ASN D 136 -18.01 30.65 24.62
N ILE D 137 -18.28 31.36 23.53
CA ILE D 137 -18.62 30.67 22.26
C ILE D 137 -17.63 31.01 21.16
N SER D 138 -17.08 29.98 20.52
CA SER D 138 -16.20 30.14 19.37
C SER D 138 -16.82 29.47 18.16
N HIS D 139 -16.44 29.92 16.98
CA HIS D 139 -16.97 29.29 15.76
C HIS D 139 -15.91 29.18 14.68
N LEU D 140 -16.06 28.18 13.84
CA LEU D 140 -15.08 27.91 12.78
C LEU D 140 -15.78 27.28 11.60
N ALA D 141 -15.65 27.91 10.43
CA ALA D 141 -16.11 27.31 9.19
C ALA D 141 -15.07 26.32 8.66
N THR D 142 -15.34 25.03 8.83
CA THR D 142 -14.45 23.96 8.38
C THR D 142 -14.92 23.42 7.04
N SER D 143 -14.91 24.30 6.04
CA SER D 143 -15.58 24.06 4.77
C SER D 143 -15.09 22.82 4.06
N LEU D 144 -13.77 22.63 4.06
CA LEU D 144 -13.20 21.54 3.28
C LEU D 144 -13.50 20.16 3.86
N PHE D 145 -13.93 20.09 5.14
CA PHE D 145 -14.34 18.78 5.68
C PHE D 145 -15.45 18.18 4.78
N VAL D 146 -16.34 19.01 4.23
CA VAL D 146 -17.47 18.52 3.43
C VAL D 146 -17.03 17.71 2.19
N PRO D 147 -16.23 18.33 1.29
CA PRO D 147 -15.74 17.54 0.13
C PRO D 147 -14.88 16.33 0.50
N LEU D 148 -14.03 16.46 1.52
CA LEU D 148 -13.28 15.32 2.01
C LEU D 148 -14.23 14.15 2.34
N ILE D 149 -15.30 14.43 3.08
CA ILE D 149 -16.27 13.41 3.49
C ILE D 149 -17.07 12.89 2.30
N GLU D 150 -17.40 13.79 1.37
CA GLU D 150 -18.04 13.38 0.10
C GLU D 150 -17.19 12.35 -0.68
N GLU D 151 -15.87 12.51 -0.62
CA GLU D 151 -14.93 11.60 -1.28
C GLU D 151 -14.52 10.41 -0.39
N SER D 152 -15.23 10.21 0.71
CA SER D 152 -14.91 9.13 1.67
C SER D 152 -13.49 9.20 2.22
N ILE D 153 -12.99 10.41 2.46
CA ILE D 153 -11.69 10.60 3.10
C ILE D 153 -12.00 10.77 4.59
N LEU D 154 -12.11 9.63 5.28
CA LEU D 154 -12.53 9.64 6.70
C LEU D 154 -11.40 9.29 7.68
N GLU D 155 -10.20 9.15 7.13
CA GLU D 155 -9.00 8.83 7.89
C GLU D 155 -7.79 9.22 7.08
N GLY D 156 -6.60 9.10 7.66
CA GLY D 156 -5.36 9.27 6.91
C GLY D 156 -4.79 10.67 7.02
N GLU D 157 -3.65 10.88 6.35
CA GLU D 157 -2.95 12.14 6.49
C GLU D 157 -3.66 13.33 5.87
N LEU D 158 -4.43 13.11 4.80
CA LEU D 158 -5.14 14.22 4.15
C LEU D 158 -6.15 14.80 5.15
N LEU D 159 -6.93 13.92 5.75
CA LEU D 159 -7.87 14.35 6.79
C LEU D 159 -7.17 14.99 7.99
N GLU D 160 -6.11 14.34 8.50
CA GLU D 160 -5.36 14.92 9.63
C GLU D 160 -4.80 16.30 9.30
N THR D 161 -4.21 16.44 8.11
CA THR D 161 -3.69 17.74 7.70
C THR D 161 -4.81 18.81 7.60
N CYS D 162 -5.98 18.38 7.12
CA CYS D 162 -7.11 19.31 6.93
C CYS D 162 -7.61 19.75 8.31
N MET D 163 -7.72 18.80 9.24
CA MET D 163 -8.14 19.12 10.63
C MET D 163 -7.16 20.07 11.28
N HIS D 164 -5.87 19.80 11.11
CA HIS D 164 -4.82 20.63 11.69
C HIS D 164 -4.87 22.06 11.17
N TYR D 165 -5.10 22.18 9.86
CA TYR D 165 -5.28 23.49 9.21
C TYR D 165 -6.35 24.36 9.87
N TYR D 166 -7.51 23.76 10.14
CA TYR D 166 -8.61 24.49 10.76
C TYR D 166 -8.45 24.72 12.26
N PHE D 167 -7.94 23.71 12.96
CA PHE D 167 -7.98 23.68 14.43
C PHE D 167 -6.79 24.42 15.09
N THR D 168 -5.63 24.42 14.43
CA THR D 168 -4.43 25.05 15.01
C THR D 168 -4.64 26.52 15.36
N PRO D 169 -5.26 27.32 14.46
CA PRO D 169 -5.49 28.72 14.80
C PRO D 169 -6.42 28.99 16.00
N LEU D 170 -7.05 27.95 16.55
CA LEU D 170 -8.01 28.10 17.63
C LEU D 170 -7.35 28.50 18.94
N GLU D 171 -7.79 29.64 19.45
CA GLU D 171 -7.23 30.16 20.68
C GLU D 171 -7.66 29.33 21.89
N ILE D 172 -8.94 29.00 21.96
CA ILE D 172 -9.51 28.35 23.15
C ILE D 172 -9.72 26.86 22.89
N LEU D 173 -9.31 26.05 23.85
CA LEU D 173 -9.58 24.61 23.77
C LEU D 173 -11.05 24.35 24.14
N PRO D 174 -11.83 23.76 23.21
CA PRO D 174 -13.25 23.54 23.51
C PRO D 174 -13.53 22.36 24.46
N GLU D 175 -14.54 22.53 25.30
CA GLU D 175 -15.08 21.42 26.10
C GLU D 175 -16.28 20.78 25.38
N VAL D 176 -16.90 21.54 24.47
CA VAL D 176 -18.07 21.10 23.72
C VAL D 176 -17.87 21.54 22.27
N ILE D 177 -18.12 20.61 21.36
CA ILE D 177 -18.06 20.91 19.93
C ILE D 177 -19.42 20.58 19.29
N ILE D 178 -20.01 21.56 18.62
CA ILE D 178 -21.25 21.29 17.91
C ILE D 178 -20.91 20.86 16.48
N LEU D 179 -21.38 19.68 16.07
CA LEU D 179 -21.21 19.21 14.70
C LEU D 179 -22.30 19.82 13.83
N GLY D 180 -22.16 21.12 13.58
CA GLY D 180 -23.20 21.91 12.92
C GLY D 180 -23.21 21.77 11.40
N CYS D 181 -23.04 20.54 10.92
CA CYS D 181 -23.13 20.22 9.49
C CYS D 181 -23.49 18.76 9.37
N THR D 182 -24.35 18.42 8.40
CA THR D 182 -24.76 17.05 8.15
C THR D 182 -23.59 16.03 8.03
N HIS D 183 -22.45 16.49 7.52
CA HIS D 183 -21.39 15.57 7.14
C HIS D 183 -20.51 15.21 8.33
N PHE D 184 -20.48 16.09 9.33
CA PHE D 184 -19.43 16.00 10.37
C PHE D 184 -19.50 14.76 11.30
N PRO D 185 -20.70 14.21 11.56
CA PRO D 185 -20.72 12.95 12.34
C PRO D 185 -19.85 11.83 11.76
N LEU D 186 -19.69 11.80 10.44
CA LEU D 186 -18.78 10.82 9.78
C LEU D 186 -17.31 10.92 10.20
N ILE D 187 -16.90 12.05 10.76
CA ILE D 187 -15.53 12.19 11.28
C ILE D 187 -15.52 12.56 12.79
N ALA D 188 -16.65 12.31 13.46
CA ALA D 188 -16.80 12.60 14.90
C ALA D 188 -15.60 12.09 15.70
N GLN D 189 -15.25 10.83 15.51
CA GLN D 189 -14.18 10.21 16.30
C GLN D 189 -12.80 10.84 15.99
N LYS D 190 -12.54 11.14 14.72
CA LYS D 190 -11.32 11.84 14.37
C LYS D 190 -11.19 13.21 15.03
N ILE D 191 -12.30 13.95 15.12
CA ILE D 191 -12.31 15.27 15.77
C ILE D 191 -12.01 15.13 17.27
N GLU D 192 -12.68 14.17 17.89
CA GLU D 192 -12.43 13.86 19.28
C GLU D 192 -10.96 13.51 19.45
N GLY D 193 -10.50 12.58 18.62
CA GLY D 193 -9.09 12.15 18.57
C GLY D 193 -8.10 13.29 18.40
N TYR D 194 -8.42 14.25 17.52
CA TYR D 194 -7.55 15.40 17.29
C TYR D 194 -7.28 16.15 18.58
N PHE D 195 -8.34 16.46 19.32
CA PHE D 195 -8.18 17.28 20.52
C PHE D 195 -7.61 16.48 21.68
N MET D 196 -8.10 15.25 21.82
CA MET D 196 -7.55 14.23 22.69
C MET D 196 -6.03 14.05 22.52
N GLY D 197 -5.56 13.88 21.29
CA GLY D 197 -4.14 13.69 21.02
C GLY D 197 -3.28 14.95 21.06
N HIS D 198 -3.73 16.01 20.40
CA HIS D 198 -2.91 17.23 20.28
C HIS D 198 -2.72 18.00 21.58
N PHE D 199 -3.67 17.85 22.49
CA PHE D 199 -3.61 18.55 23.76
C PHE D 199 -3.40 17.55 24.88
N ALA D 200 -3.41 16.27 24.53
CA ALA D 200 -3.10 15.18 25.45
C ALA D 200 -3.98 15.25 26.71
N LEU D 201 -5.27 15.44 26.48
CA LEU D 201 -6.29 15.56 27.52
C LEU D 201 -6.64 14.20 28.13
N PRO D 202 -7.09 14.19 29.40
CA PRO D 202 -7.59 12.95 30.00
C PRO D 202 -8.94 12.50 29.43
N THR D 203 -9.75 13.48 29.02
CA THR D 203 -11.08 13.22 28.51
C THR D 203 -11.32 14.09 27.25
N PRO D 204 -12.03 13.55 26.25
CA PRO D 204 -12.35 14.28 25.01
C PRO D 204 -13.43 15.37 25.19
N PRO D 205 -13.50 16.34 24.24
CA PRO D 205 -14.63 17.26 24.28
C PRO D 205 -15.95 16.55 23.97
N LEU D 206 -17.03 17.02 24.59
CA LEU D 206 -18.38 16.55 24.31
C LEU D 206 -18.80 17.01 22.91
N LEU D 207 -19.29 16.08 22.08
CA LEU D 207 -19.73 16.43 20.71
C LEU D 207 -21.25 16.42 20.63
N ILE D 208 -21.81 17.45 19.99
CA ILE D 208 -23.26 17.50 19.80
C ILE D 208 -23.58 17.15 18.35
N HIS D 209 -24.37 16.09 18.17
CA HIS D 209 -24.76 15.50 16.89
C HIS D 209 -26.18 15.97 16.54
N SER D 210 -26.33 16.64 15.38
CA SER D 210 -27.60 17.29 14.98
C SER D 210 -28.78 16.31 14.93
N GLY D 211 -28.49 15.12 14.43
CA GLY D 211 -29.49 14.06 14.28
C GLY D 211 -30.06 13.59 15.61
N ASP D 212 -29.19 13.34 16.59
CA ASP D 212 -29.63 12.90 17.91
C ASP D 212 -30.43 14.01 18.61
N ALA D 213 -29.96 15.27 18.49
CA ALA D 213 -30.63 16.42 19.06
C ALA D 213 -32.05 16.61 18.49
N ILE D 214 -32.21 16.52 17.16
CA ILE D 214 -33.56 16.67 16.58
C ILE D 214 -34.50 15.51 17.02
N VAL D 215 -33.95 14.31 17.17
CA VAL D 215 -34.74 13.19 17.68
C VAL D 215 -35.28 13.54 19.07
N GLU D 216 -34.43 14.06 19.95
CA GLU D 216 -34.83 14.40 21.32
C GLU D 216 -35.99 15.41 21.26
N TYR D 217 -35.81 16.44 20.44
CA TYR D 217 -36.83 17.47 20.27
C TYR D 217 -38.15 16.91 19.72
N LEU D 218 -38.10 16.10 18.66
CA LEU D 218 -39.32 15.57 18.04
C LEU D 218 -40.12 14.67 19.00
N GLN D 219 -39.40 13.83 19.74
CA GLN D 219 -40.00 12.99 20.78
C GLN D 219 -40.85 13.82 21.74
N GLN D 220 -40.26 14.88 22.29
CA GLN D 220 -40.93 15.73 23.27
C GLN D 220 -42.08 16.51 22.64
N LYS D 221 -41.76 17.28 21.60
CA LYS D 221 -42.72 18.14 20.90
C LYS D 221 -44.00 17.45 20.40
N TYR D 222 -43.86 16.26 19.81
CA TYR D 222 -45.01 15.58 19.22
C TYR D 222 -45.37 14.31 20.01
N ALA D 223 -44.97 14.28 21.29
CA ALA D 223 -45.28 13.18 22.21
C ALA D 223 -45.10 11.86 21.49
N LEU D 224 -43.97 11.77 20.78
CA LEU D 224 -43.70 10.61 19.95
C LEU D 224 -43.05 9.54 20.78
N LYS D 225 -43.66 8.37 20.74
CA LYS D 225 -43.02 7.19 21.26
C LYS D 225 -42.19 6.58 20.13
N ASN D 226 -41.27 5.73 20.54
CA ASN D 226 -40.37 5.05 19.66
C ASN D 226 -40.99 3.71 19.28
N ASN D 227 -42.21 3.77 18.78
CA ASN D 227 -42.94 2.55 18.52
C ASN D 227 -43.54 2.52 17.12
N ALA D 228 -43.10 3.41 16.24
CA ALA D 228 -43.44 3.28 14.83
C ALA D 228 -42.64 2.11 14.28
N CYS D 229 -42.87 1.75 13.03
CA CYS D 229 -42.26 0.56 12.48
C CYS D 229 -40.74 0.64 12.46
N THR D 230 -40.12 -0.50 12.68
CA THR D 230 -38.68 -0.63 12.61
C THR D 230 -38.17 -0.33 11.21
N PHE D 231 -38.97 -0.69 10.20
CA PHE D 231 -38.59 -0.53 8.81
C PHE D 231 -39.74 0.22 8.11
N PRO D 232 -39.75 1.56 8.24
CA PRO D 232 -40.85 2.30 7.68
C PRO D 232 -40.73 2.37 6.17
N LYS D 233 -41.77 2.86 5.51
CA LYS D 233 -41.69 3.22 4.09
C LYS D 233 -40.80 4.47 3.92
N VAL D 234 -39.68 4.29 3.22
CA VAL D 234 -38.80 5.41 2.86
C VAL D 234 -38.72 5.58 1.32
N GLU D 235 -38.95 6.81 0.87
CA GLU D 235 -38.78 7.16 -0.55
C GLU D 235 -37.58 8.05 -0.67
N PHE D 236 -36.76 7.78 -1.69
CA PHE D 236 -35.62 8.64 -1.98
C PHE D 236 -35.84 9.42 -3.27
N HIS D 237 -35.62 10.73 -3.19
CA HIS D 237 -35.76 11.66 -4.33
C HIS D 237 -34.56 12.59 -4.41
N ALA D 238 -34.21 13.01 -5.62
CA ALA D 238 -33.08 13.91 -5.82
C ALA D 238 -33.30 14.78 -7.06
N SER D 239 -32.69 15.96 -7.05
CA SER D 239 -32.69 16.81 -8.23
C SER D 239 -31.60 16.36 -9.21
N GLY D 240 -30.54 15.75 -8.70
CA GLY D 240 -29.60 15.06 -9.55
C GLY D 240 -30.03 13.62 -9.73
N ASP D 241 -29.11 12.77 -10.18
CA ASP D 241 -29.45 11.37 -10.46
C ASP D 241 -29.79 10.64 -9.17
N VAL D 242 -31.02 10.14 -9.09
CA VAL D 242 -31.47 9.45 -7.87
C VAL D 242 -30.73 8.12 -7.61
N ILE D 243 -30.25 7.44 -8.66
CA ILE D 243 -29.43 6.21 -8.46
C ILE D 243 -28.14 6.56 -7.71
N TRP D 244 -27.48 7.66 -8.11
CA TRP D 244 -26.27 8.14 -7.41
C TRP D 244 -26.53 8.44 -5.93
N LEU D 245 -27.62 9.14 -5.64
CA LEU D 245 -28.02 9.47 -4.26
C LEU D 245 -28.29 8.20 -3.43
N GLU D 246 -29.05 7.28 -4.00
CA GLU D 246 -29.44 6.03 -3.32
C GLU D 246 -28.26 5.09 -3.08
N ARG D 247 -27.30 5.10 -3.99
CA ARG D 247 -26.04 4.36 -3.79
C ARG D 247 -25.31 4.82 -2.53
N GLN D 248 -25.36 6.13 -2.26
CA GLN D 248 -24.66 6.68 -1.11
C GLN D 248 -25.41 6.38 0.18
N ALA D 249 -26.75 6.37 0.11
CA ALA D 249 -27.62 6.07 1.27
C ALA D 249 -27.19 4.78 1.94
N LYS D 250 -27.07 3.75 1.10
CA LYS D 250 -26.56 2.45 1.53
C LYS D 250 -25.32 2.59 2.42
N GLU D 251 -24.38 3.42 1.99
CA GLU D 251 -23.14 3.67 2.73
C GLU D 251 -23.32 4.48 4.01
N TRP D 252 -24.15 5.54 3.96
CA TRP D 252 -24.37 6.42 5.12
C TRP D 252 -25.24 5.82 6.24
N LEU D 253 -26.23 5.00 5.87
CA LEU D 253 -27.13 4.41 6.87
C LEU D 253 -26.53 3.14 7.48
N LYS D 254 -25.35 2.75 7.00
CA LYS D 254 -24.64 1.56 7.49
C LYS D 254 -23.79 1.87 8.72
N DGL E . 15.43 -13.82 -3.08
CA DGL E . 14.92 -15.20 -3.35
C DGL E . 14.27 -15.28 -4.70
O DGL E . 13.50 -16.21 -4.95
CB DGL E . 16.08 -16.21 -3.23
CG DGL E . 16.55 -16.47 -1.79
CD DGL E . 15.37 -16.84 -0.90
OE1 DGL E . 14.92 -15.97 -0.11
OE2 DGL E . 14.87 -17.97 -1.03
OXT DGL E . 14.51 -14.41 -5.58
N DGL F . 19.54 -26.68 13.95
CA DGL F . 20.81 -26.21 13.30
C DGL F . 22.03 -26.78 14.00
O DGL F . 23.15 -26.29 13.80
CB DGL F . 20.87 -26.53 11.80
CG DGL F . 19.88 -25.68 10.96
CD DGL F . 20.21 -24.19 11.10
OE1 DGL F . 19.44 -23.45 11.75
OE2 DGL F . 21.25 -23.74 10.57
OXT DGL F . 21.90 -27.79 14.73
N1 VGA G . 20.69 -23.73 4.43
C2 VGA G . 20.96 -22.63 3.75
C3 VGA G . 19.80 -21.77 3.30
C4 VGA G . 18.34 -23.49 2.74
N5 VGA G . 19.07 -22.54 2.29
C6 VGA G . 18.26 -23.92 4.15
C7 VGA G . 19.43 -24.09 4.87
C8 VGA G . 19.29 -24.60 6.16
C9 VGA G . 18.06 -24.92 6.73
C10 VGA G . 16.90 -24.77 6.01
C11 VGA G . 17.01 -24.27 4.72
C12 VGA G . 17.66 -24.39 1.77
N13 VGA G . 22.26 -22.33 3.41
C14 VGA G . 23.59 -22.90 3.72
C15 VGA G . 24.25 -21.96 2.70
C16 VGA G . 22.90 -21.27 2.60
C17 VGA G . 17.58 -24.07 0.41
C18 VGA G . 16.98 -24.95 -0.48
C19 VGA G . 16.45 -26.15 -0.03
C20 VGA G . 16.56 -26.50 1.31
C21 VGA G . 17.17 -25.63 2.21
C22 VGA G . 20.01 -20.42 2.71
S23 VGA G . 19.41 -20.10 1.09
C24 VGA G . 19.95 -18.42 1.23
C25 VGA G . 20.52 -18.22 2.41
C26 VGA G . 20.55 -19.32 3.25
O27 VGA G . 25.25 -21.09 3.22
N DGL H . -15.56 24.39 -14.28
CA DGL H . -15.24 23.00 -13.80
C DGL H . -14.35 22.33 -14.80
O DGL H . -14.25 21.10 -14.80
CB DGL H . -14.65 22.95 -12.36
CG DGL H . -15.69 23.33 -11.30
CD DGL H . -16.90 22.40 -11.36
OE1 DGL H . -17.98 22.87 -11.80
OE2 DGL H . -16.79 21.21 -10.99
OXT DGL H . -13.72 22.99 -15.65
N1 VGA I . -17.78 21.34 -1.23
C2 VGA I . -17.27 22.23 -2.06
C3 VGA I . -17.61 22.10 -3.54
C4 VGA I . -17.38 19.77 -3.68
N5 VGA I . -16.89 20.92 -4.00
C6 VGA I . -18.55 19.60 -2.81
C7 VGA I . -18.65 20.32 -1.62
C8 VGA I . -19.77 20.05 -0.83
C9 VGA I . -20.73 19.10 -1.16
C10 VGA I . -20.62 18.37 -2.33
C11 VGA I . -19.53 18.63 -3.15
C12 VGA I . -16.62 18.55 -4.02
N13 VGA I . -16.45 23.24 -1.61
C14 VGA I . -15.96 23.71 -0.29
C15 VGA I . -14.99 24.68 -1.00
C16 VGA I . -15.73 24.33 -2.28
C17 VGA I . -15.53 18.60 -4.91
C18 VGA I . -14.80 17.44 -5.17
C19 VGA I . -15.13 16.25 -4.54
C20 VGA I . -16.19 16.19 -3.65
C21 VGA I . -16.91 17.34 -3.39
C22 VGA I . -17.30 23.18 -4.55
S23 VGA I . -16.12 22.89 -5.80
C24 VGA I . -16.44 24.48 -6.49
C25 VGA I . -17.36 25.10 -5.77
C26 VGA I . -17.87 24.39 -4.70
O27 VGA I . -15.21 26.04 -0.70
N DGL J . -25.97 19.83 4.20
CA DGL J . -24.94 20.87 4.48
C DGL J . -24.98 21.25 5.92
O DGL J . -24.52 22.33 6.23
CB DGL J . -23.52 20.47 4.05
CG DGL J . -23.38 20.39 2.52
CD DGL J . -23.70 21.71 1.84
OE1 DGL J . -24.79 21.79 1.22
OE2 DGL J . -22.87 22.66 1.95
OXT DGL J . -25.45 20.51 6.82
#